data_7A52
#
_entry.id   7A52
#
_cell.length_a   58.917
_cell.length_b   85.409
_cell.length_c   152.758
_cell.angle_alpha   90.000
_cell.angle_beta   90.000
_cell.angle_gamma   90.000
#
_symmetry.space_group_name_H-M   'P 21 21 21'
#
loop_
_entity.id
_entity.type
_entity.pdbx_description
1 polymer 'Dual specificity tyrosine-phosphorylation-regulated kinase 1A'
2 non-polymer 3-phenyl-1H,4H,5H-pyrazolo[3,4-d]pyrimidin-4-one
3 non-polymer 'PHOSPHATE ION'
4 non-polymer 'DIMETHYL SULFOXIDE'
5 water water
#
_entity_poly.entity_id   1
_entity_poly.type   'polypeptide(L)'
_entity_poly.pdbx_seq_one_letter_code
;MGSSHHHHHHSSGLVPRG(SEP)HMIVKNGEKWMDRYEIDSLIGKGSFGQVVKAYDRVEQEWVAIKIIKNKKAFLNQAQI
EVRLLELMNKHDTEMKYYIVHLKRHFMFRNHLCLVFEMLSYNLYDLLRNTNFRGVSLNLTRKFAQQMCTALLFLATPELS
IIHCDLKPENILLCNPKRSAIKIVDFGSSCQLGQRIYQ(PTR)IQSRFYRSPEVLLGMPYDLAIDMWSLGCILVEMHTGE
PLFSGANEVDQMNKIVEVLGIPPAHILDQAPKARKFFEKLPDGTWNLKKTKDGKREYKPPGTRKLHNILGVETGGPGGRR
AGESGHTVADYLKFKDLILRMLDYDPKTRIQPYYALQHSFFAA
;
_entity_poly.pdbx_strand_id   A,B
#
loop_
_chem_comp.id
_chem_comp.type
_chem_comp.name
_chem_comp.formula
DMS non-polymer 'DIMETHYL SULFOXIDE' 'C2 H6 O S'
PO4 non-polymer 'PHOSPHATE ION' 'O4 P -3'
QYB non-polymer 3-phenyl-1H,4H,5H-pyrazolo[3,4-d]pyrimidin-4-one 'C11 H8 N4 O'
#
# COMPACT_ATOMS: atom_id res chain seq x y z
N VAL A 15 10.67 -14.88 -14.53
CA VAL A 15 9.68 -14.34 -13.57
C VAL A 15 10.01 -12.85 -13.35
N PRO A 16 9.03 -11.94 -13.57
CA PRO A 16 9.28 -10.50 -13.39
C PRO A 16 9.60 -10.13 -11.94
N ARG A 17 10.38 -9.06 -11.77
CA ARG A 17 10.85 -8.57 -10.45
C ARG A 17 9.83 -7.63 -9.83
N GLY A 18 9.24 -6.75 -10.64
CA GLY A 18 8.19 -5.81 -10.15
C GLY A 18 6.86 -6.53 -9.99
N SEP A 19 5.95 -5.89 -9.24
CA SEP A 19 4.62 -6.43 -8.96
CB SEP A 19 4.18 -5.92 -7.60
OG SEP A 19 4.03 -4.49 -7.65
C SEP A 19 3.60 -6.14 -10.06
O SEP A 19 2.52 -6.75 -10.07
P SEP A 19 5.10 -3.55 -6.86
O1P SEP A 19 5.04 -4.02 -5.43
O2P SEP A 19 4.59 -2.13 -7.04
O3P SEP A 19 6.43 -3.80 -7.50
N HIS A 20 3.91 -5.18 -10.94
CA HIS A 20 2.95 -4.61 -11.88
C HIS A 20 2.92 -5.49 -13.13
N MET A 21 1.85 -5.49 -13.91
CA MET A 21 1.89 -6.16 -15.23
C MET A 21 2.41 -5.15 -16.26
N ILE A 22 3.24 -5.58 -17.19
CA ILE A 22 3.64 -4.70 -18.33
C ILE A 22 2.53 -4.79 -19.38
N VAL A 23 1.97 -3.65 -19.74
CA VAL A 23 0.80 -3.54 -20.64
C VAL A 23 1.12 -2.50 -21.70
N LYS A 24 1.14 -2.91 -22.97
CA LYS A 24 1.51 -2.07 -24.12
C LYS A 24 0.22 -1.65 -24.81
N ASN A 25 -0.09 -0.35 -24.82
CA ASN A 25 -1.17 0.18 -25.67
C ASN A 25 -1.11 -0.48 -27.06
N GLY A 26 -2.26 -0.97 -27.53
CA GLY A 26 -2.43 -1.54 -28.87
C GLY A 26 -2.23 -3.05 -28.90
N GLU A 27 -1.67 -3.66 -27.84
CA GLU A 27 -1.47 -5.13 -27.78
C GLU A 27 -2.85 -5.77 -27.64
N LYS A 28 -2.94 -7.07 -27.91
CA LYS A 28 -4.21 -7.82 -27.93
C LYS A 28 -4.03 -9.05 -27.05
N TRP A 29 -4.90 -9.24 -26.05
CA TRP A 29 -4.83 -10.38 -25.09
C TRP A 29 -5.77 -11.50 -25.52
N MET A 30 -5.28 -12.74 -25.56
CA MET A 30 -6.08 -13.98 -25.71
C MET A 30 -6.97 -13.88 -26.96
N ASP A 31 -6.41 -13.29 -28.03
CA ASP A 31 -7.11 -13.00 -29.31
CA ASP A 31 -7.09 -12.90 -29.31
C ASP A 31 -8.49 -12.37 -29.03
N ARG A 32 -8.61 -11.52 -28.00
CA ARG A 32 -9.95 -11.01 -27.57
C ARG A 32 -9.89 -9.54 -27.15
N TYR A 33 -9.06 -9.17 -26.17
CA TYR A 33 -9.07 -7.79 -25.57
C TYR A 33 -8.02 -6.94 -26.26
N GLU A 34 -8.44 -5.88 -26.95
CA GLU A 34 -7.53 -4.93 -27.65
C GLU A 34 -7.28 -3.76 -26.71
N ILE A 35 -6.07 -3.65 -26.19
CA ILE A 35 -5.78 -2.68 -25.11
C ILE A 35 -5.68 -1.30 -25.75
N ASP A 36 -6.49 -0.37 -25.28
CA ASP A 36 -6.56 0.97 -25.87
C ASP A 36 -5.62 1.88 -25.08
N SER A 37 -5.82 1.98 -23.77
CA SER A 37 -5.18 3.02 -22.94
C SER A 37 -5.31 2.72 -21.45
N LEU A 38 -4.52 3.42 -20.64
CA LEU A 38 -4.59 3.36 -19.16
C LEU A 38 -5.72 4.27 -18.67
N ILE A 39 -6.65 3.76 -17.90
CA ILE A 39 -7.72 4.60 -17.30
C ILE A 39 -7.15 5.16 -16.01
N GLY A 40 -6.52 4.30 -15.20
CA GLY A 40 -6.07 4.71 -13.87
C GLY A 40 -5.06 3.75 -13.27
N LYS A 41 -4.23 4.28 -12.39
CA LYS A 41 -3.27 3.51 -11.58
C LYS A 41 -3.75 3.62 -10.14
N GLY A 42 -3.36 2.68 -9.29
CA GLY A 42 -3.61 2.78 -7.85
C GLY A 42 -2.67 1.86 -7.10
N SER A 43 -2.83 1.79 -5.79
CA SER A 43 -2.13 0.85 -4.87
C SER A 43 -2.41 -0.58 -5.33
N PHE A 44 -3.65 -0.90 -5.77
CA PHE A 44 -4.12 -2.26 -6.14
C PHE A 44 -3.44 -2.77 -7.41
N GLY A 45 -2.93 -1.87 -8.27
CA GLY A 45 -2.51 -2.18 -9.65
C GLY A 45 -3.04 -1.15 -10.63
N GLN A 46 -3.58 -1.57 -11.76
CA GLN A 46 -3.99 -0.61 -12.80
C GLN A 46 -5.32 -1.00 -13.42
N VAL A 47 -5.94 -0.04 -14.07
CA VAL A 47 -7.21 -0.22 -14.83
C VAL A 47 -6.97 0.22 -16.27
N VAL A 48 -7.28 -0.65 -17.25
CA VAL A 48 -7.09 -0.31 -18.68
C VAL A 48 -8.42 -0.36 -19.42
N LYS A 49 -8.55 0.50 -20.42
CA LYS A 49 -9.64 0.53 -21.40
C LYS A 49 -9.29 -0.45 -22.52
N ALA A 50 -10.20 -1.37 -22.80
CA ALA A 50 -9.96 -2.42 -23.81
C ALA A 50 -11.26 -2.70 -24.57
N TYR A 51 -11.10 -3.04 -25.83
CA TYR A 51 -12.20 -3.47 -26.73
C TYR A 51 -12.24 -4.98 -26.74
N ASP A 52 -13.34 -5.54 -26.28
CA ASP A 52 -13.65 -6.99 -26.28
C ASP A 52 -14.20 -7.32 -27.67
N ARG A 53 -13.36 -7.91 -28.51
CA ARG A 53 -13.66 -8.09 -29.94
C ARG A 53 -14.71 -9.19 -30.07
N VAL A 54 -14.79 -10.07 -29.08
CA VAL A 54 -15.78 -11.19 -29.01
C VAL A 54 -17.17 -10.59 -28.76
N GLU A 55 -17.32 -9.76 -27.74
CA GLU A 55 -18.62 -9.17 -27.34
C GLU A 55 -18.84 -7.85 -28.07
N GLN A 56 -17.83 -7.32 -28.77
CA GLN A 56 -17.95 -6.06 -29.54
C GLN A 56 -18.39 -4.95 -28.57
N GLU A 57 -17.66 -4.78 -27.48
CA GLU A 57 -17.98 -3.69 -26.53
C GLU A 57 -16.73 -3.26 -25.80
N TRP A 58 -16.74 -2.05 -25.29
CA TRP A 58 -15.65 -1.55 -24.42
C TRP A 58 -15.78 -2.23 -23.06
N VAL A 59 -14.64 -2.56 -22.46
CA VAL A 59 -14.55 -3.02 -21.06
C VAL A 59 -13.45 -2.25 -20.34
N ALA A 60 -13.55 -2.17 -19.02
CA ALA A 60 -12.48 -1.65 -18.13
C ALA A 60 -11.85 -2.86 -17.45
N ILE A 61 -10.59 -3.14 -17.69
CA ILE A 61 -9.93 -4.31 -17.08
C ILE A 61 -9.13 -3.84 -15.88
N LYS A 62 -9.51 -4.30 -14.70
CA LYS A 62 -8.76 -4.02 -13.46
C LYS A 62 -7.70 -5.11 -13.27
N ILE A 63 -6.43 -4.74 -13.35
CA ILE A 63 -5.31 -5.72 -13.27
C ILE A 63 -4.72 -5.61 -11.86
N ILE A 64 -4.80 -6.66 -11.07
CA ILE A 64 -4.31 -6.65 -9.66
C ILE A 64 -2.80 -6.91 -9.67
N LYS A 65 -2.04 -6.11 -8.92
CA LYS A 65 -0.61 -6.41 -8.59
C LYS A 65 -0.42 -7.87 -8.16
N ASN A 66 0.72 -8.47 -8.53
CA ASN A 66 1.11 -9.82 -8.05
C ASN A 66 1.70 -9.60 -6.67
N LYS A 67 0.85 -9.31 -5.70
CA LYS A 67 1.19 -9.02 -4.28
C LYS A 67 0.07 -9.60 -3.40
N LYS A 68 0.43 -10.32 -2.34
CA LYS A 68 -0.52 -11.11 -1.52
C LYS A 68 -1.65 -10.22 -0.99
N ALA A 69 -1.37 -9.06 -0.42
CA ALA A 69 -2.41 -8.23 0.22
C ALA A 69 -3.44 -7.78 -0.83
N PHE A 70 -3.00 -7.34 -2.00
CA PHE A 70 -3.90 -6.82 -3.08
C PHE A 70 -4.66 -7.97 -3.71
N LEU A 71 -4.05 -9.12 -3.85
CA LEU A 71 -4.75 -10.32 -4.34
C LEU A 71 -5.84 -10.72 -3.36
N ASN A 72 -5.60 -10.69 -2.05
CA ASN A 72 -6.64 -10.96 -1.01
C ASN A 72 -7.80 -9.96 -1.18
N GLN A 73 -7.52 -8.65 -1.22
CA GLN A 73 -8.58 -7.61 -1.34
C GLN A 73 -9.39 -7.90 -2.61
N ALA A 74 -8.73 -8.29 -3.71
CA ALA A 74 -9.39 -8.48 -5.02
C ALA A 74 -10.27 -9.74 -4.97
N GLN A 75 -9.90 -10.74 -4.19
CA GLN A 75 -10.72 -11.97 -4.05
C GLN A 75 -11.99 -11.61 -3.27
N ILE A 76 -11.87 -10.69 -2.31
CA ILE A 76 -13.05 -10.21 -1.53
C ILE A 76 -13.96 -9.46 -2.50
N GLU A 77 -13.40 -8.58 -3.32
CA GLU A 77 -14.15 -7.81 -4.33
C GLU A 77 -14.87 -8.76 -5.29
N VAL A 78 -14.20 -9.80 -5.76
CA VAL A 78 -14.85 -10.80 -6.66
C VAL A 78 -16.01 -11.46 -5.92
N ARG A 79 -15.80 -11.94 -4.71
CA ARG A 79 -16.86 -12.66 -3.94
C ARG A 79 -18.08 -11.73 -3.73
N LEU A 80 -17.87 -10.46 -3.32
CA LEU A 80 -18.99 -9.50 -3.04
C LEU A 80 -19.72 -9.10 -4.34
N LEU A 81 -19.00 -8.81 -5.42
CA LEU A 81 -19.64 -8.47 -6.70
C LEU A 81 -20.46 -9.65 -7.23
N GLU A 82 -19.94 -10.87 -7.09
CA GLU A 82 -20.66 -12.06 -7.61
C GLU A 82 -21.91 -12.32 -6.75
N LEU A 83 -21.81 -12.12 -5.43
CA LEU A 83 -22.99 -12.24 -4.52
C LEU A 83 -24.10 -11.28 -4.98
N MET A 84 -23.74 -10.02 -5.21
CA MET A 84 -24.69 -8.94 -5.60
C MET A 84 -25.39 -9.32 -6.91
N ASN A 85 -24.66 -9.93 -7.84
CA ASN A 85 -25.13 -10.31 -9.20
C ASN A 85 -26.29 -11.29 -9.17
N LYS A 86 -26.37 -12.14 -8.16
CA LYS A 86 -27.42 -13.17 -8.09
C LYS A 86 -28.77 -12.53 -7.71
N HIS A 87 -28.85 -11.28 -7.28
CA HIS A 87 -30.14 -10.63 -6.91
C HIS A 87 -30.90 -10.18 -8.19
N ASP A 88 -32.23 -10.30 -8.16
CA ASP A 88 -33.14 -9.91 -9.27
C ASP A 88 -33.35 -8.40 -9.34
N THR A 89 -33.51 -7.74 -8.18
CA THR A 89 -33.89 -6.30 -8.06
C THR A 89 -33.12 -5.45 -9.07
N GLU A 90 -33.83 -4.47 -9.66
CA GLU A 90 -33.24 -3.39 -10.46
C GLU A 90 -32.28 -2.52 -9.64
N MET A 91 -32.35 -2.56 -8.30
CA MET A 91 -31.46 -1.78 -7.40
C MET A 91 -29.99 -2.19 -7.60
N LYS A 92 -29.73 -3.41 -8.09
CA LYS A 92 -28.34 -3.88 -8.29
C LYS A 92 -27.63 -3.14 -9.44
N TYR A 93 -28.34 -2.39 -10.28
CA TYR A 93 -27.70 -1.75 -11.47
C TYR A 93 -27.06 -0.41 -11.07
N TYR A 94 -27.17 0.01 -9.81
CA TYR A 94 -26.42 1.17 -9.27
C TYR A 94 -25.00 0.74 -8.89
N ILE A 95 -24.69 -0.54 -8.96
CA ILE A 95 -23.36 -1.14 -8.66
C ILE A 95 -22.70 -1.54 -9.97
N VAL A 96 -21.42 -1.22 -10.14
CA VAL A 96 -20.69 -1.58 -11.40
C VAL A 96 -20.76 -3.10 -11.59
N HIS A 97 -20.95 -3.53 -12.84
CA HIS A 97 -21.15 -4.95 -13.20
C HIS A 97 -19.80 -5.59 -13.54
N LEU A 98 -19.41 -6.57 -12.74
CA LEU A 98 -18.24 -7.45 -13.03
C LEU A 98 -18.68 -8.48 -14.05
N LYS A 99 -18.17 -8.42 -15.27
CA LYS A 99 -18.52 -9.36 -16.36
C LYS A 99 -17.84 -10.69 -16.13
N ARG A 100 -16.58 -10.70 -15.75
CA ARG A 100 -15.82 -11.96 -15.64
C ARG A 100 -14.45 -11.63 -15.05
N HIS A 101 -13.71 -12.65 -14.66
CA HIS A 101 -12.35 -12.51 -14.10
C HIS A 101 -11.55 -13.71 -14.62
N PHE A 102 -10.24 -13.53 -14.75
CA PHE A 102 -9.34 -14.62 -15.17
C PHE A 102 -7.93 -14.30 -14.67
N MET A 103 -7.03 -15.27 -14.77
CA MET A 103 -5.59 -15.06 -14.56
C MET A 103 -4.97 -14.86 -15.94
N PHE A 104 -4.11 -13.84 -16.07
CA PHE A 104 -3.36 -13.60 -17.33
C PHE A 104 -1.98 -13.09 -16.93
N ARG A 105 -0.95 -13.69 -17.54
CA ARG A 105 0.48 -13.43 -17.19
C ARG A 105 0.64 -13.41 -15.67
N ASN A 106 -0.04 -14.29 -14.92
CA ASN A 106 0.18 -14.42 -13.45
C ASN A 106 -0.47 -13.29 -12.63
N HIS A 107 -1.38 -12.52 -13.22
CA HIS A 107 -2.16 -11.47 -12.53
C HIS A 107 -3.64 -11.83 -12.52
N LEU A 108 -4.35 -11.55 -11.42
CA LEU A 108 -5.83 -11.59 -11.40
C LEU A 108 -6.32 -10.36 -12.19
N CYS A 109 -7.17 -10.56 -13.19
CA CYS A 109 -7.79 -9.48 -14.01
C CYS A 109 -9.30 -9.53 -13.85
N LEU A 110 -9.91 -8.41 -13.48
CA LEU A 110 -11.37 -8.23 -13.33
C LEU A 110 -11.88 -7.41 -14.52
N VAL A 111 -12.80 -7.96 -15.28
CA VAL A 111 -13.39 -7.29 -16.47
C VAL A 111 -14.72 -6.69 -16.03
N PHE A 112 -14.80 -5.37 -16.09
CA PHE A 112 -16.02 -4.60 -15.74
C PHE A 112 -16.61 -3.96 -16.98
N GLU A 113 -17.90 -3.61 -16.94
CA GLU A 113 -18.54 -2.73 -17.95
C GLU A 113 -17.79 -1.39 -17.98
N MET A 114 -17.71 -0.78 -19.16
CA MET A 114 -17.01 0.51 -19.31
C MET A 114 -17.97 1.62 -18.88
N LEU A 115 -17.53 2.49 -17.99
CA LEU A 115 -18.34 3.63 -17.52
C LEU A 115 -17.66 4.93 -17.97
N SER A 116 -18.23 6.07 -17.63
CA SER A 116 -17.71 7.40 -18.04
C SER A 116 -16.88 7.98 -16.87
N TYR A 117 -16.80 9.30 -16.73
CA TYR A 117 -15.87 9.88 -15.71
C TYR A 117 -16.56 9.95 -14.33
N ASN A 118 -15.77 10.18 -13.29
CA ASN A 118 -16.23 10.14 -11.88
C ASN A 118 -16.73 11.54 -11.46
N LEU A 119 -17.37 11.61 -10.29
CA LEU A 119 -18.07 12.85 -9.85
C LEU A 119 -17.03 13.91 -9.49
N TYR A 120 -15.78 13.52 -9.21
CA TYR A 120 -14.72 14.52 -9.00
C TYR A 120 -14.44 15.23 -10.33
N ASP A 121 -14.30 14.47 -11.43
CA ASP A 121 -14.06 15.00 -12.79
C ASP A 121 -15.20 15.97 -13.12
N LEU A 122 -16.43 15.58 -12.78
CA LEU A 122 -17.63 16.41 -13.04
C LEU A 122 -17.48 17.73 -12.28
N LEU A 123 -17.15 17.70 -11.00
CA LEU A 123 -16.92 18.95 -10.21
C LEU A 123 -15.81 19.79 -10.88
N ARG A 124 -14.71 19.17 -11.30
CA ARG A 124 -13.58 19.89 -11.97
C ARG A 124 -14.07 20.58 -13.24
N ASN A 125 -14.97 19.99 -14.02
CA ASN A 125 -15.57 20.60 -15.23
C ASN A 125 -16.43 21.83 -14.86
N THR A 126 -17.01 21.92 -13.66
CA THR A 126 -17.72 23.15 -13.15
C THR A 126 -16.73 24.20 -12.61
N ASN A 127 -15.42 23.95 -12.65
CA ASN A 127 -14.40 24.75 -11.93
C ASN A 127 -14.75 24.82 -10.44
N PHE A 128 -15.15 23.70 -9.87
CA PHE A 128 -15.51 23.55 -8.44
C PHE A 128 -16.54 24.58 -7.99
N ARG A 129 -17.50 24.95 -8.84
CA ARG A 129 -18.65 25.81 -8.45
C ARG A 129 -19.86 24.95 -8.05
N GLY A 130 -19.81 23.66 -8.32
CA GLY A 130 -20.87 22.72 -7.92
C GLY A 130 -21.86 22.47 -9.04
N VAL A 131 -22.53 21.32 -8.98
CA VAL A 131 -23.64 21.03 -9.91
C VAL A 131 -24.94 21.55 -9.25
N SER A 132 -26.01 21.66 -10.03
CA SER A 132 -27.34 22.17 -9.56
C SER A 132 -27.92 21.28 -8.45
N LEU A 133 -28.86 21.83 -7.69
CA LEU A 133 -29.62 21.04 -6.70
C LEU A 133 -30.39 19.92 -7.38
N ASN A 134 -30.90 20.13 -8.58
CA ASN A 134 -31.68 19.10 -9.30
C ASN A 134 -30.72 17.94 -9.64
N LEU A 135 -29.48 18.19 -10.05
CA LEU A 135 -28.59 17.05 -10.40
C LEU A 135 -28.15 16.34 -9.11
N THR A 136 -27.85 17.11 -8.07
CA THR A 136 -27.52 16.63 -6.70
C THR A 136 -28.63 15.71 -6.22
N ARG A 137 -29.89 16.12 -6.36
CA ARG A 137 -31.05 15.29 -5.97
C ARG A 137 -31.02 13.94 -6.69
N LYS A 138 -30.81 13.95 -8.01
CA LYS A 138 -30.73 12.70 -8.83
C LYS A 138 -29.56 11.82 -8.36
N PHE A 139 -28.38 12.39 -8.13
CA PHE A 139 -27.26 11.59 -7.56
C PHE A 139 -27.64 11.03 -6.18
N ALA A 140 -28.29 11.84 -5.34
CA ALA A 140 -28.65 11.43 -3.97
C ALA A 140 -29.63 10.24 -4.01
N GLN A 141 -30.65 10.32 -4.86
CA GLN A 141 -31.68 9.27 -4.93
C GLN A 141 -31.03 7.96 -5.40
N GLN A 142 -30.16 8.00 -6.39
CA GLN A 142 -29.49 6.77 -6.93
C GLN A 142 -28.57 6.17 -5.85
N MET A 143 -27.81 7.00 -5.15
CA MET A 143 -26.88 6.55 -4.07
C MET A 143 -27.68 5.97 -2.89
N CYS A 144 -28.79 6.58 -2.46
CA CYS A 144 -29.57 6.01 -1.34
C CYS A 144 -30.11 4.63 -1.80
N THR A 145 -30.51 4.52 -3.06
CA THR A 145 -31.03 3.24 -3.61
C THR A 145 -29.92 2.19 -3.56
N ALA A 146 -28.71 2.53 -4.02
CA ALA A 146 -27.51 1.65 -3.96
C ALA A 146 -27.26 1.18 -2.52
N LEU A 147 -27.31 2.10 -1.56
CA LEU A 147 -27.08 1.79 -0.13
C LEU A 147 -28.19 0.87 0.39
N LEU A 148 -29.42 1.05 -0.07
CA LEU A 148 -30.56 0.21 0.37
C LEU A 148 -30.27 -1.21 -0.10
N PHE A 149 -29.78 -1.34 -1.34
CA PHE A 149 -29.40 -2.64 -1.91
C PHE A 149 -28.30 -3.30 -1.07
N LEU A 150 -27.24 -2.57 -0.74
CA LEU A 150 -26.12 -3.13 0.06
C LEU A 150 -26.60 -3.54 1.45
N ALA A 151 -27.69 -2.96 1.92
CA ALA A 151 -28.20 -3.22 3.29
C ALA A 151 -29.12 -4.44 3.29
N THR A 152 -29.41 -5.03 2.13
CA THR A 152 -30.10 -6.35 2.04
C THR A 152 -29.42 -7.31 3.02
N PRO A 153 -30.17 -7.98 3.94
CA PRO A 153 -29.57 -8.83 4.97
C PRO A 153 -28.53 -9.83 4.45
N GLU A 154 -28.82 -10.49 3.34
CA GLU A 154 -27.92 -11.53 2.73
C GLU A 154 -26.70 -10.87 2.11
N LEU A 155 -26.66 -9.55 1.93
CA LEU A 155 -25.41 -8.84 1.51
C LEU A 155 -24.77 -8.17 2.73
N SER A 156 -25.45 -7.22 3.35
CA SER A 156 -24.93 -6.45 4.52
C SER A 156 -23.52 -5.95 4.21
N ILE A 157 -23.36 -5.34 3.04
CA ILE A 157 -22.02 -4.88 2.55
C ILE A 157 -21.80 -3.43 2.96
N ILE A 158 -20.68 -3.17 3.63
CA ILE A 158 -20.17 -1.79 3.88
C ILE A 158 -19.14 -1.54 2.80
N HIS A 159 -19.36 -0.54 1.96
CA HIS A 159 -18.43 -0.15 0.87
C HIS A 159 -17.09 0.29 1.47
N CYS A 160 -17.15 1.16 2.49
CA CYS A 160 -16.00 1.63 3.32
C CYS A 160 -15.09 2.59 2.55
N ASP A 161 -15.39 2.97 1.32
CA ASP A 161 -14.50 3.96 0.65
C ASP A 161 -15.31 4.83 -0.28
N LEU A 162 -16.52 5.25 0.09
CA LEU A 162 -17.32 6.17 -0.75
C LEU A 162 -16.65 7.56 -0.78
N LYS A 163 -16.56 8.09 -1.98
CA LYS A 163 -15.94 9.39 -2.28
C LYS A 163 -16.32 9.70 -3.71
N PRO A 164 -16.25 10.99 -4.12
CA PRO A 164 -16.59 11.35 -5.49
C PRO A 164 -15.86 10.50 -6.55
N GLU A 165 -14.61 10.16 -6.30
CA GLU A 165 -13.79 9.41 -7.29
C GLU A 165 -14.34 7.98 -7.44
N ASN A 166 -15.13 7.45 -6.50
CA ASN A 166 -15.68 6.07 -6.60
C ASN A 166 -17.10 6.02 -7.16
N ILE A 167 -17.62 7.13 -7.65
CA ILE A 167 -19.00 7.19 -8.18
C ILE A 167 -18.87 7.66 -9.60
N LEU A 168 -19.25 6.83 -10.57
CA LEU A 168 -18.99 7.14 -11.98
C LEU A 168 -20.30 7.35 -12.72
N LEU A 169 -20.31 8.31 -13.63
CA LEU A 169 -21.43 8.45 -14.61
C LEU A 169 -21.40 7.24 -15.56
N CYS A 170 -22.55 6.69 -15.91
CA CYS A 170 -22.65 5.65 -16.97
C CYS A 170 -22.33 6.27 -18.34
N ASN A 171 -22.82 7.49 -18.60
CA ASN A 171 -22.76 8.23 -19.89
C ASN A 171 -22.43 9.68 -19.56
N PRO A 172 -21.51 10.32 -20.31
CA PRO A 172 -21.11 11.69 -20.01
C PRO A 172 -22.27 12.69 -20.18
N LYS A 173 -23.32 12.30 -20.90
CA LYS A 173 -24.46 13.21 -21.18
C LYS A 173 -25.57 13.08 -20.12
N ARG A 174 -25.54 12.06 -19.26
CA ARG A 174 -26.71 11.72 -18.42
C ARG A 174 -26.33 11.65 -16.92
N SER A 175 -27.36 11.56 -16.10
CA SER A 175 -27.31 11.67 -14.62
C SER A 175 -27.17 10.27 -13.98
N ALA A 176 -27.33 9.16 -14.73
CA ALA A 176 -27.26 7.79 -14.20
C ALA A 176 -25.85 7.54 -13.68
N ILE A 177 -25.73 6.92 -12.52
CA ILE A 177 -24.41 6.72 -11.84
C ILE A 177 -24.30 5.31 -11.32
N LYS A 178 -23.07 4.88 -11.03
CA LYS A 178 -22.77 3.55 -10.45
C LYS A 178 -21.62 3.71 -9.49
N ILE A 179 -21.69 2.93 -8.41
CA ILE A 179 -20.61 2.81 -7.40
C ILE A 179 -19.57 1.81 -7.91
N VAL A 180 -18.28 2.12 -7.77
CA VAL A 180 -17.16 1.22 -8.13
C VAL A 180 -16.27 0.99 -6.92
N ASP A 181 -15.34 0.03 -7.05
CA ASP A 181 -14.23 -0.27 -6.13
C ASP A 181 -14.71 -0.78 -4.75
N PHE A 182 -14.98 -2.07 -4.65
CA PHE A 182 -15.33 -2.77 -3.38
C PHE A 182 -14.09 -3.47 -2.83
N GLY A 183 -12.89 -2.99 -3.21
CA GLY A 183 -11.60 -3.53 -2.76
C GLY A 183 -11.36 -3.37 -1.25
N SER A 184 -11.96 -2.34 -0.62
CA SER A 184 -11.79 -2.08 0.82
C SER A 184 -13.03 -2.55 1.58
N SER A 185 -13.96 -3.20 0.91
CA SER A 185 -15.32 -3.46 1.47
C SER A 185 -15.26 -4.65 2.42
N CYS A 186 -16.27 -4.71 3.29
CA CYS A 186 -16.48 -5.82 4.26
C CYS A 186 -17.98 -6.03 4.47
N GLN A 187 -18.32 -7.03 5.26
CA GLN A 187 -19.71 -7.29 5.66
C GLN A 187 -19.86 -6.95 7.13
N LEU A 188 -21.09 -6.65 7.51
CA LEU A 188 -21.50 -6.21 8.86
C LEU A 188 -20.82 -7.13 9.91
N GLY A 189 -20.12 -6.53 10.85
CA GLY A 189 -19.48 -7.22 11.98
C GLY A 189 -18.03 -7.54 11.66
N GLN A 190 -17.55 -7.28 10.45
CA GLN A 190 -16.12 -7.56 10.17
C GLN A 190 -15.32 -6.32 10.56
N ARG A 191 -14.11 -6.57 11.06
CA ARG A 191 -13.06 -5.56 11.28
C ARG A 191 -11.79 -6.15 10.68
N ILE A 192 -11.42 -5.71 9.48
CA ILE A 192 -10.29 -6.29 8.70
C ILE A 192 -9.11 -5.34 8.69
N TYR A 193 -9.32 -4.05 8.35
CA TYR A 193 -8.26 -3.07 8.07
C TYR A 193 -8.20 -2.07 9.23
N GLN A 194 -7.01 -1.57 9.55
CA GLN A 194 -6.83 -0.73 10.78
C GLN A 194 -7.48 0.63 10.59
N PTR A 195 -7.26 1.23 9.41
CA PTR A 195 -7.87 2.51 9.09
C PTR A 195 -8.78 2.26 7.89
O PTR A 195 -8.40 1.51 6.98
CB PTR A 195 -6.80 3.61 8.81
CG PTR A 195 -5.94 3.96 9.99
CD1 PTR A 195 -4.71 3.33 10.21
CD2 PTR A 195 -6.34 4.93 10.91
CE1 PTR A 195 -3.93 3.63 11.31
CE2 PTR A 195 -5.57 5.24 12.03
CZ PTR A 195 -4.37 4.59 12.22
OH PTR A 195 -3.54 4.87 13.31
P PTR A 195 -3.90 4.90 14.87
O1P PTR A 195 -4.66 3.65 15.19
O2P PTR A 195 -4.68 6.12 15.25
O3P PTR A 195 -2.58 4.92 15.57
N ILE A 196 -9.99 2.84 7.93
CA ILE A 196 -10.93 2.71 6.82
C ILE A 196 -11.55 4.07 6.49
N GLN A 197 -12.09 4.14 5.28
CA GLN A 197 -12.77 5.33 4.68
C GLN A 197 -11.69 6.33 4.29
N SER A 198 -11.92 7.06 3.22
CA SER A 198 -11.05 8.20 2.81
C SER A 198 -11.24 9.35 3.81
N ARG A 199 -10.17 9.99 4.25
CA ARG A 199 -10.16 10.96 5.37
C ARG A 199 -11.33 11.96 5.30
N PHE A 200 -11.52 12.71 4.23
CA PHE A 200 -12.60 13.74 4.14
C PHE A 200 -13.99 13.12 4.40
N TYR A 201 -14.20 11.84 4.07
CA TYR A 201 -15.51 11.13 4.10
C TYR A 201 -15.57 10.15 5.27
N ARG A 202 -14.68 10.28 6.25
CA ARG A 202 -14.54 9.31 7.36
C ARG A 202 -15.49 9.67 8.50
N SER A 203 -16.27 8.70 8.93
CA SER A 203 -17.34 8.85 9.93
C SER A 203 -16.70 9.09 11.30
N PRO A 204 -17.43 9.77 12.20
CA PRO A 204 -16.98 9.94 13.56
C PRO A 204 -16.72 8.65 14.33
N GLU A 205 -17.51 7.60 14.11
CA GLU A 205 -17.34 6.29 14.81
C GLU A 205 -15.99 5.68 14.41
N VAL A 206 -15.55 5.83 13.18
CA VAL A 206 -14.23 5.33 12.72
C VAL A 206 -13.10 6.17 13.32
N LEU A 207 -13.21 7.51 13.29
CA LEU A 207 -12.21 8.41 13.93
C LEU A 207 -12.08 8.07 15.43
N LEU A 208 -13.18 7.67 16.07
CA LEU A 208 -13.24 7.45 17.52
C LEU A 208 -12.84 6.01 17.90
N GLY A 209 -12.59 5.14 16.93
CA GLY A 209 -12.23 3.73 17.13
C GLY A 209 -13.39 2.94 17.70
N MET A 210 -14.63 3.40 17.47
CA MET A 210 -15.82 2.67 17.92
C MET A 210 -16.27 1.66 16.88
N PRO A 211 -17.17 0.72 17.22
CA PRO A 211 -17.73 -0.21 16.24
C PRO A 211 -18.43 0.51 15.07
N TYR A 212 -18.30 -0.06 13.88
CA TYR A 212 -18.88 0.52 12.65
C TYR A 212 -19.76 -0.50 11.94
N ASP A 213 -20.78 0.01 11.26
CA ASP A 213 -21.77 -0.79 10.50
C ASP A 213 -22.08 -0.01 9.20
N LEU A 214 -23.19 -0.33 8.56
CA LEU A 214 -23.50 0.26 7.23
C LEU A 214 -23.70 1.77 7.35
N ALA A 215 -23.98 2.29 8.53
CA ALA A 215 -24.20 3.76 8.73
C ALA A 215 -22.96 4.60 8.31
N ILE A 216 -21.74 4.06 8.33
CA ILE A 216 -20.56 4.88 7.97
C ILE A 216 -20.72 5.32 6.52
N ASP A 217 -21.37 4.50 5.68
CA ASP A 217 -21.55 4.81 4.24
C ASP A 217 -22.55 5.97 4.08
N MET A 218 -23.54 6.07 4.99
CA MET A 218 -24.53 7.16 4.91
C MET A 218 -23.84 8.48 5.33
N TRP A 219 -22.93 8.43 6.28
CA TRP A 219 -22.09 9.58 6.67
C TRP A 219 -21.31 10.08 5.42
N SER A 220 -20.58 9.19 4.77
CA SER A 220 -19.80 9.50 3.53
C SER A 220 -20.73 10.14 2.50
N LEU A 221 -21.94 9.58 2.32
CA LEU A 221 -22.90 10.11 1.31
C LEU A 221 -23.29 11.55 1.68
N GLY A 222 -23.55 11.81 2.95
CA GLY A 222 -23.86 13.18 3.44
C GLY A 222 -22.77 14.16 3.02
N CYS A 223 -21.53 13.82 3.30
CA CYS A 223 -20.39 14.70 2.95
C CYS A 223 -20.36 14.90 1.44
N ILE A 224 -20.53 13.82 0.67
CA ILE A 224 -20.36 13.84 -0.79
C ILE A 224 -21.40 14.79 -1.37
N LEU A 225 -22.63 14.70 -0.93
CA LEU A 225 -23.72 15.46 -1.60
C LEU A 225 -23.49 16.94 -1.38
N VAL A 226 -22.98 17.34 -0.22
CA VAL A 226 -22.72 18.79 0.06
C VAL A 226 -21.63 19.28 -0.90
N GLU A 227 -20.58 18.46 -1.09
CA GLU A 227 -19.44 18.78 -1.97
C GLU A 227 -19.93 18.90 -3.41
N MET A 228 -20.82 18.03 -3.85
CA MET A 228 -21.34 18.05 -5.24
C MET A 228 -22.09 19.37 -5.48
N HIS A 229 -22.86 19.89 -4.51
CA HIS A 229 -23.59 21.16 -4.70
C HIS A 229 -22.69 22.39 -4.46
N THR A 230 -21.70 22.35 -3.56
CA THR A 230 -20.88 23.56 -3.24
C THR A 230 -19.59 23.62 -4.05
N GLY A 231 -19.12 22.49 -4.56
CA GLY A 231 -17.84 22.36 -5.28
C GLY A 231 -16.64 22.07 -4.39
N GLU A 232 -16.80 22.09 -3.07
CA GLU A 232 -15.69 21.98 -2.07
C GLU A 232 -16.02 20.92 -1.02
N PRO A 233 -15.02 20.19 -0.50
CA PRO A 233 -15.27 19.18 0.53
C PRO A 233 -15.83 19.87 1.78
N LEU A 234 -16.82 19.27 2.42
CA LEU A 234 -17.41 19.82 3.67
C LEU A 234 -16.35 19.83 4.76
N PHE A 235 -15.64 18.72 4.88
CA PHE A 235 -14.70 18.51 6.01
C PHE A 235 -13.32 18.14 5.46
N SER A 236 -12.46 19.10 5.16
CA SER A 236 -11.21 18.82 4.38
C SER A 236 -10.03 18.70 5.35
N GLY A 237 -10.01 17.67 6.20
CA GLY A 237 -8.97 17.53 7.22
C GLY A 237 -7.62 17.09 6.63
N ALA A 238 -6.52 17.64 7.13
CA ALA A 238 -5.13 17.34 6.71
C ALA A 238 -4.62 16.11 7.46
N ASN A 239 -5.29 15.76 8.55
CA ASN A 239 -4.98 14.62 9.41
C ASN A 239 -6.25 14.31 10.22
N GLU A 240 -6.23 13.25 11.04
CA GLU A 240 -7.43 12.85 11.80
C GLU A 240 -7.83 13.93 12.81
N VAL A 241 -6.88 14.60 13.48
CA VAL A 241 -7.24 15.62 14.50
C VAL A 241 -7.96 16.79 13.79
N ASP A 242 -7.35 17.30 12.74
CA ASP A 242 -7.90 18.36 11.88
C ASP A 242 -9.28 17.95 11.35
N GLN A 243 -9.45 16.67 10.91
CA GLN A 243 -10.72 16.14 10.36
C GLN A 243 -11.80 16.28 11.43
N MET A 244 -11.53 15.77 12.64
CA MET A 244 -12.50 15.78 13.77
C MET A 244 -12.80 17.23 14.15
N ASN A 245 -11.81 18.11 14.11
CA ASN A 245 -12.00 19.54 14.48
C ASN A 245 -12.87 20.22 13.42
N LYS A 246 -12.72 19.87 12.16
CA LYS A 246 -13.58 20.47 11.11
C LYS A 246 -15.02 19.95 11.22
N ILE A 247 -15.19 18.68 11.58
CA ILE A 247 -16.54 18.11 11.84
C ILE A 247 -17.17 18.93 12.97
N VAL A 248 -16.39 19.17 14.04
CA VAL A 248 -16.88 19.83 15.28
C VAL A 248 -17.27 21.29 14.97
N GLU A 249 -16.54 21.99 14.10
CA GLU A 249 -16.94 23.36 13.63
C GLU A 249 -18.40 23.37 13.16
N VAL A 250 -18.82 22.34 12.43
CA VAL A 250 -20.18 22.35 11.81
C VAL A 250 -21.19 21.75 12.78
N LEU A 251 -20.84 20.67 13.49
CA LEU A 251 -21.83 19.80 14.19
C LEU A 251 -21.75 19.87 15.71
N GLY A 252 -20.79 20.58 16.31
CA GLY A 252 -20.67 20.67 17.77
C GLY A 252 -19.85 19.52 18.34
N ILE A 253 -19.68 19.54 19.66
CA ILE A 253 -19.07 18.44 20.44
C ILE A 253 -19.99 17.24 20.33
N PRO A 254 -19.50 16.02 20.04
CA PRO A 254 -20.37 14.85 20.00
C PRO A 254 -21.04 14.62 21.35
N PRO A 255 -22.17 13.91 21.39
CA PRO A 255 -22.83 13.57 22.62
C PRO A 255 -21.95 12.74 23.59
N ALA A 256 -22.14 13.02 24.88
CA ALA A 256 -21.46 12.36 26.03
C ALA A 256 -21.63 10.85 25.94
N HIS A 257 -22.82 10.35 25.63
CA HIS A 257 -23.07 8.88 25.64
C HIS A 257 -22.18 8.20 24.60
N ILE A 258 -21.78 8.90 23.54
CA ILE A 258 -20.79 8.39 22.55
C ILE A 258 -19.35 8.54 23.09
N LEU A 259 -18.93 9.75 23.46
CA LEU A 259 -17.53 9.98 23.88
C LEU A 259 -17.20 9.13 25.12
N ASP A 260 -18.16 8.88 26.01
CA ASP A 260 -17.95 8.03 27.22
C ASP A 260 -17.62 6.58 26.81
N GLN A 261 -18.00 6.15 25.61
CA GLN A 261 -17.77 4.75 25.15
C GLN A 261 -16.67 4.70 24.09
N ALA A 262 -16.06 5.81 23.71
CA ALA A 262 -15.13 5.87 22.56
C ALA A 262 -13.70 5.60 23.01
N PRO A 263 -13.07 4.53 22.51
CA PRO A 263 -11.68 4.24 22.85
C PRO A 263 -10.72 5.39 22.54
N LYS A 264 -10.96 6.17 21.49
CA LYS A 264 -10.03 7.25 21.08
C LYS A 264 -10.62 8.64 21.34
N ALA A 265 -11.54 8.77 22.28
CA ALA A 265 -12.13 10.07 22.67
C ALA A 265 -11.01 11.05 23.05
N ARG A 266 -9.96 10.59 23.74
CA ARG A 266 -8.90 11.48 24.31
C ARG A 266 -7.87 11.87 23.24
N LYS A 267 -7.95 11.31 22.06
CA LYS A 267 -7.18 11.85 20.91
C LYS A 267 -7.67 13.26 20.56
N PHE A 268 -8.95 13.57 20.77
CA PHE A 268 -9.57 14.81 20.23
C PHE A 268 -10.17 15.69 21.32
N PHE A 269 -10.67 15.07 22.38
CA PHE A 269 -11.54 15.69 23.40
C PHE A 269 -10.94 15.45 24.79
N GLU A 270 -11.35 16.25 25.77
CA GLU A 270 -11.05 15.99 27.21
C GLU A 270 -12.33 16.12 28.04
N LYS A 271 -12.44 15.23 29.01
CA LYS A 271 -13.57 15.14 29.94
C LYS A 271 -13.21 16.05 31.11
N LEU A 272 -14.01 17.08 31.34
CA LEU A 272 -13.78 18.08 32.41
C LEU A 272 -14.29 17.48 33.72
N PRO A 273 -13.85 18.05 34.87
CA PRO A 273 -14.30 17.61 36.19
C PRO A 273 -15.81 17.37 36.38
N ASP A 274 -16.70 18.10 35.69
CA ASP A 274 -18.19 17.92 35.83
C ASP A 274 -18.72 16.86 34.87
N GLY A 275 -17.86 16.19 34.11
CA GLY A 275 -18.27 15.05 33.26
C GLY A 275 -18.64 15.49 31.85
N THR A 276 -18.53 16.79 31.55
CA THR A 276 -18.83 17.33 30.19
C THR A 276 -17.57 17.35 29.34
N TRP A 277 -17.74 17.21 28.02
CA TRP A 277 -16.59 17.08 27.10
C TRP A 277 -16.32 18.37 26.36
N ASN A 278 -15.06 18.70 26.17
CA ASN A 278 -14.55 19.86 25.41
C ASN A 278 -13.50 19.38 24.42
N LEU A 279 -13.10 20.26 23.52
CA LEU A 279 -11.95 19.97 22.63
C LEU A 279 -10.68 19.84 23.47
N LYS A 280 -9.77 18.97 23.05
CA LYS A 280 -8.44 18.84 23.67
C LYS A 280 -7.67 20.13 23.41
N LYS A 281 -6.96 20.63 24.43
CA LYS A 281 -5.97 21.74 24.33
C LYS A 281 -4.93 21.34 23.29
N THR A 282 -4.52 22.27 22.43
CA THR A 282 -3.47 22.04 21.39
C THR A 282 -2.09 22.25 22.00
N LYS A 283 -1.05 21.84 21.26
CA LYS A 283 0.37 22.01 21.66
C LYS A 283 0.65 23.51 21.85
N ASP A 284 0.20 24.34 20.90
CA ASP A 284 0.28 25.83 20.82
C ASP A 284 1.68 26.23 20.34
N GLU A 288 -7.69 28.20 17.00
CA GLU A 288 -7.57 28.24 15.52
C GLU A 288 -8.87 27.85 14.79
N TYR A 289 -9.75 27.03 15.35
CA TYR A 289 -11.02 26.60 14.69
C TYR A 289 -12.15 27.57 15.04
N LYS A 290 -13.15 27.70 14.17
CA LYS A 290 -14.42 28.37 14.55
C LYS A 290 -14.91 27.65 15.78
N PRO A 291 -15.63 28.33 16.69
CA PRO A 291 -16.19 27.67 17.85
C PRO A 291 -17.11 26.51 17.51
N PRO A 292 -17.26 25.50 18.39
CA PRO A 292 -18.05 24.31 18.08
C PRO A 292 -19.49 24.61 17.66
N GLY A 293 -19.96 24.05 16.54
CA GLY A 293 -21.35 24.19 16.08
C GLY A 293 -21.65 25.55 15.48
N THR A 294 -20.67 26.41 15.21
CA THR A 294 -20.95 27.79 14.71
C THR A 294 -20.73 27.91 13.20
N ARG A 295 -20.16 26.90 12.53
CA ARG A 295 -20.06 26.85 11.03
C ARG A 295 -21.30 26.13 10.53
N LYS A 296 -22.42 26.84 10.46
CA LYS A 296 -23.73 26.22 10.23
C LYS A 296 -23.84 25.69 8.80
N LEU A 297 -24.39 24.49 8.63
CA LEU A 297 -24.68 23.97 7.28
C LEU A 297 -25.72 24.85 6.55
N HIS A 298 -26.67 25.46 7.28
CA HIS A 298 -27.61 26.50 6.76
C HIS A 298 -26.88 27.59 5.94
N ASN A 299 -25.72 28.06 6.41
CA ASN A 299 -24.90 29.13 5.75
C ASN A 299 -23.94 28.53 4.70
N ILE A 300 -23.42 27.32 4.93
CA ILE A 300 -22.54 26.64 3.94
C ILE A 300 -23.36 26.45 2.66
N LEU A 301 -24.62 26.03 2.79
CA LEU A 301 -25.52 25.76 1.63
C LEU A 301 -26.15 27.06 1.07
N GLY A 302 -26.17 28.13 1.86
CA GLY A 302 -26.79 29.41 1.47
C GLY A 302 -28.30 29.31 1.34
N VAL A 303 -28.94 28.70 2.31
CA VAL A 303 -30.40 28.33 2.26
C VAL A 303 -31.22 29.59 1.92
N GLU A 304 -30.92 30.69 2.57
CA GLU A 304 -31.70 31.94 2.50
C GLU A 304 -31.00 32.99 1.63
N THR A 305 -29.84 32.70 1.07
CA THR A 305 -28.94 33.73 0.48
C THR A 305 -28.48 33.31 -0.91
N GLY A 306 -29.32 32.57 -1.65
CA GLY A 306 -29.14 32.21 -3.06
C GLY A 306 -28.16 31.06 -3.29
N GLY A 307 -28.08 30.13 -2.34
CA GLY A 307 -27.22 28.93 -2.47
C GLY A 307 -25.75 29.29 -2.30
N PRO A 308 -24.87 28.33 -2.65
CA PRO A 308 -23.43 28.51 -2.43
C PRO A 308 -22.85 29.74 -3.15
N GLY A 309 -22.32 30.67 -2.36
CA GLY A 309 -21.72 31.93 -2.82
C GLY A 309 -22.75 32.85 -3.48
N GLY A 310 -24.04 32.56 -3.28
CA GLY A 310 -25.17 33.32 -3.85
C GLY A 310 -25.40 32.99 -5.30
N ARG A 311 -24.68 32.01 -5.85
CA ARG A 311 -24.65 31.82 -7.32
C ARG A 311 -25.95 31.24 -7.87
N ARG A 312 -26.82 30.70 -7.03
CA ARG A 312 -28.07 30.06 -7.51
C ARG A 312 -29.29 30.98 -7.40
N ALA A 313 -29.19 32.22 -6.97
CA ALA A 313 -30.34 33.15 -6.99
C ALA A 313 -30.66 33.44 -8.45
N GLY A 314 -31.92 33.62 -8.84
CA GLY A 314 -32.25 33.88 -10.27
C GLY A 314 -32.04 32.66 -11.18
N GLU A 315 -31.86 31.46 -10.60
CA GLU A 315 -32.14 30.15 -11.25
C GLU A 315 -33.34 29.53 -10.56
N SER A 316 -34.09 28.71 -11.29
CA SER A 316 -35.16 27.83 -10.79
C SER A 316 -34.57 26.55 -10.20
N GLY A 317 -35.39 25.80 -9.46
CA GLY A 317 -35.01 24.56 -8.78
C GLY A 317 -34.12 24.79 -7.55
N HIS A 318 -34.08 26.00 -7.01
CA HIS A 318 -33.16 26.40 -5.93
C HIS A 318 -33.90 27.30 -4.93
N THR A 319 -35.12 26.94 -4.57
CA THR A 319 -35.91 27.78 -3.65
C THR A 319 -35.43 27.55 -2.23
N VAL A 320 -35.76 28.49 -1.34
CA VAL A 320 -35.55 28.31 0.12
C VAL A 320 -36.16 26.97 0.55
N ALA A 321 -37.38 26.67 0.14
CA ALA A 321 -38.09 25.41 0.51
C ALA A 321 -37.28 24.17 0.10
N ASP A 322 -36.74 24.18 -1.12
CA ASP A 322 -35.86 23.11 -1.66
C ASP A 322 -34.58 22.97 -0.83
N TYR A 323 -33.95 24.08 -0.49
CA TYR A 323 -32.71 24.09 0.32
C TYR A 323 -32.97 23.57 1.73
N LEU A 324 -34.08 23.94 2.36
CA LEU A 324 -34.40 23.45 3.72
C LEU A 324 -34.53 21.93 3.67
N LYS A 325 -35.17 21.39 2.65
CA LYS A 325 -35.37 19.92 2.58
C LYS A 325 -33.99 19.28 2.37
N PHE A 326 -33.14 19.85 1.53
CA PHE A 326 -31.78 19.33 1.31
C PHE A 326 -31.00 19.38 2.62
N LYS A 327 -30.98 20.54 3.27
CA LYS A 327 -30.27 20.69 4.55
C LYS A 327 -30.78 19.66 5.56
N ASP A 328 -32.08 19.54 5.74
CA ASP A 328 -32.65 18.60 6.75
C ASP A 328 -32.20 17.15 6.46
N LEU A 329 -32.19 16.72 5.20
CA LEU A 329 -31.77 15.34 4.89
C LEU A 329 -30.28 15.18 5.18
N ILE A 330 -29.44 16.14 4.79
CA ILE A 330 -27.98 16.05 5.03
C ILE A 330 -27.72 15.94 6.55
N LEU A 331 -28.40 16.77 7.36
CA LEU A 331 -28.13 16.76 8.81
C LEU A 331 -28.64 15.44 9.41
N ARG A 332 -29.64 14.78 8.80
CA ARG A 332 -29.98 13.39 9.23
C ARG A 332 -28.86 12.40 8.84
N MET A 333 -28.18 12.61 7.71
CA MET A 333 -27.07 11.71 7.28
C MET A 333 -25.84 11.97 8.14
N LEU A 334 -25.70 13.17 8.73
CA LEU A 334 -24.50 13.55 9.51
C LEU A 334 -24.82 13.51 11.00
N ASP A 335 -25.82 12.74 11.41
CA ASP A 335 -26.08 12.43 12.83
C ASP A 335 -24.81 11.80 13.40
N TYR A 336 -24.34 12.31 14.52
CA TYR A 336 -23.18 11.71 15.22
C TYR A 336 -23.49 10.30 15.72
N ASP A 337 -24.76 10.00 16.00
CA ASP A 337 -25.13 8.69 16.60
C ASP A 337 -25.45 7.73 15.46
N PRO A 338 -24.65 6.67 15.23
CA PRO A 338 -24.92 5.75 14.12
C PRO A 338 -26.22 4.93 14.29
N LYS A 339 -26.75 4.82 15.50
CA LYS A 339 -28.04 4.11 15.69
C LYS A 339 -29.21 5.00 15.27
N THR A 340 -29.07 6.32 15.25
CA THR A 340 -30.21 7.25 14.94
C THR A 340 -30.01 7.93 13.57
N ARG A 341 -28.79 7.91 13.02
CA ARG A 341 -28.49 8.36 11.65
C ARG A 341 -29.49 7.74 10.69
N ILE A 342 -29.94 8.53 9.73
CA ILE A 342 -30.98 8.08 8.76
C ILE A 342 -30.46 6.90 7.93
N GLN A 343 -31.32 5.89 7.80
CA GLN A 343 -31.07 4.67 7.01
C GLN A 343 -31.59 4.89 5.60
N PRO A 344 -30.96 4.22 4.59
CA PRO A 344 -31.38 4.36 3.19
C PRO A 344 -32.89 4.24 2.95
N TYR A 345 -33.51 3.28 3.62
CA TYR A 345 -34.94 2.95 3.46
C TYR A 345 -35.75 4.20 3.78
N TYR A 346 -35.36 4.92 4.80
CA TYR A 346 -36.06 6.14 5.27
C TYR A 346 -35.55 7.38 4.52
N ALA A 347 -34.27 7.44 4.15
CA ALA A 347 -33.77 8.56 3.34
C ALA A 347 -34.59 8.65 2.02
N LEU A 348 -34.91 7.53 1.39
CA LEU A 348 -35.64 7.50 0.10
C LEU A 348 -37.04 8.09 0.25
N GLN A 349 -37.63 8.13 1.44
CA GLN A 349 -39.00 8.65 1.66
C GLN A 349 -38.91 10.12 2.07
N HIS A 350 -37.71 10.72 2.12
CA HIS A 350 -37.58 12.12 2.57
C HIS A 350 -38.27 13.05 1.57
N SER A 351 -38.84 14.15 2.03
CA SER A 351 -39.56 15.14 1.19
C SER A 351 -38.59 15.73 0.15
N PHE A 352 -37.27 15.66 0.34
CA PHE A 352 -36.29 16.14 -0.69
C PHE A 352 -36.52 15.40 -2.01
N PHE A 353 -37.03 14.16 -1.93
CA PHE A 353 -37.27 13.28 -3.10
C PHE A 353 -38.74 13.29 -3.50
N ALA A 354 -39.64 13.97 -2.79
CA ALA A 354 -41.08 13.95 -3.13
C ALA A 354 -41.22 14.66 -4.46
N ALA A 355 -40.74 15.90 -4.42
CA ALA A 355 -40.03 16.65 -5.48
C ALA A 355 -38.71 17.13 -4.86
N PRO B 16 -5.61 19.28 -1.87
CA PRO B 16 -4.88 18.05 -2.24
C PRO B 16 -5.76 16.77 -2.15
N ARG B 17 -5.92 16.03 -3.26
CA ARG B 17 -6.81 14.83 -3.36
C ARG B 17 -6.01 13.55 -3.03
N GLY B 18 -4.90 13.36 -3.72
CA GLY B 18 -4.07 12.14 -3.56
C GLY B 18 -3.48 12.02 -2.17
N SEP B 19 -3.02 10.81 -1.87
CA SEP B 19 -2.13 10.59 -0.75
CB SEP B 19 -2.25 9.12 -0.36
OG SEP B 19 -1.94 8.33 -1.54
C SEP B 19 -0.70 11.02 -1.11
O SEP B 19 0.15 11.02 -0.25
P SEP B 19 -3.05 7.32 -2.12
O1P SEP B 19 -4.36 8.09 -2.22
O2P SEP B 19 -2.50 6.93 -3.47
O3P SEP B 19 -3.13 6.14 -1.18
N HIS B 20 -0.41 11.33 -2.39
CA HIS B 20 0.93 11.66 -2.85
C HIS B 20 1.16 13.17 -2.88
N MET B 21 2.41 13.62 -2.72
CA MET B 21 2.75 15.05 -2.87
C MET B 21 2.89 15.38 -4.36
N ILE B 22 2.37 16.53 -4.80
CA ILE B 22 2.63 17.08 -6.17
C ILE B 22 4.00 17.76 -6.14
N VAL B 23 4.91 17.24 -6.95
CA VAL B 23 6.33 17.62 -6.93
C VAL B 23 6.68 18.10 -8.33
N LYS B 24 7.15 19.35 -8.42
CA LYS B 24 7.45 20.06 -9.69
C LYS B 24 8.97 20.22 -9.76
N ASN B 25 9.60 19.55 -10.72
CA ASN B 25 11.04 19.71 -11.03
C ASN B 25 11.36 21.21 -11.17
N GLY B 26 12.47 21.62 -10.56
CA GLY B 26 12.96 23.00 -10.56
C GLY B 26 12.37 23.82 -9.44
N GLU B 27 11.39 23.33 -8.68
CA GLU B 27 10.81 24.09 -7.54
C GLU B 27 11.80 24.04 -6.35
N LYS B 28 11.62 24.95 -5.41
CA LYS B 28 12.54 25.10 -4.26
C LYS B 28 11.72 25.01 -2.97
N TRP B 29 12.07 24.09 -2.09
CA TRP B 29 11.37 23.85 -0.79
C TRP B 29 12.09 24.62 0.32
N MET B 30 11.37 25.46 1.08
CA MET B 30 11.84 26.08 2.34
C MET B 30 13.12 26.88 2.10
N ASP B 31 13.25 27.48 0.92
CA ASP B 31 14.43 28.28 0.48
C ASP B 31 15.69 27.43 0.68
N ARG B 32 15.61 26.11 0.52
CA ARG B 32 16.79 25.25 0.84
C ARG B 32 16.99 24.15 -0.23
N TYR B 33 15.96 23.36 -0.52
CA TYR B 33 16.07 22.17 -1.40
C TYR B 33 15.54 22.52 -2.80
N GLU B 34 16.43 22.44 -3.77
CA GLU B 34 16.08 22.63 -5.19
C GLU B 34 15.79 21.26 -5.79
N ILE B 35 14.52 20.96 -6.09
CA ILE B 35 14.13 19.63 -6.65
C ILE B 35 14.68 19.53 -8.06
N ASP B 36 15.46 18.47 -8.31
CA ASP B 36 16.01 18.11 -9.63
C ASP B 36 15.03 17.20 -10.39
N SER B 37 14.65 16.07 -9.80
CA SER B 37 13.92 15.00 -10.54
C SER B 37 13.37 13.94 -9.57
N LEU B 38 12.49 13.08 -10.08
CA LEU B 38 12.01 11.87 -9.38
C LEU B 38 13.07 10.78 -9.52
N ILE B 39 13.53 10.20 -8.41
CA ILE B 39 14.51 9.06 -8.40
C ILE B 39 13.69 7.76 -8.45
N GLY B 40 12.48 7.79 -7.93
CA GLY B 40 11.66 6.57 -7.76
C GLY B 40 10.35 6.81 -7.05
N LYS B 41 9.49 5.80 -7.11
CA LYS B 41 8.11 5.83 -6.59
C LYS B 41 7.82 4.42 -6.08
N GLY B 42 7.56 4.26 -4.78
CA GLY B 42 7.17 2.97 -4.18
C GLY B 42 5.81 3.03 -3.52
N SER B 43 5.53 1.98 -2.76
CA SER B 43 4.33 1.80 -1.90
C SER B 43 4.25 2.98 -0.91
N PHE B 44 5.40 3.30 -0.29
CA PHE B 44 5.60 4.32 0.78
C PHE B 44 5.27 5.76 0.34
N GLY B 45 5.37 6.07 -0.96
CA GLY B 45 5.37 7.44 -1.52
C GLY B 45 6.42 7.60 -2.63
N GLN B 46 7.28 8.63 -2.55
CA GLN B 46 8.18 9.07 -3.68
C GLN B 46 9.58 9.35 -3.14
N VAL B 47 10.62 9.23 -3.98
CA VAL B 47 12.00 9.68 -3.67
C VAL B 47 12.43 10.65 -4.77
N VAL B 48 12.87 11.83 -4.38
CA VAL B 48 13.33 12.91 -5.29
C VAL B 48 14.80 13.23 -5.03
N LYS B 49 15.49 13.64 -6.10
CA LYS B 49 16.89 14.14 -6.00
C LYS B 49 16.77 15.64 -5.82
N ALA B 50 17.42 16.18 -4.81
CA ALA B 50 17.34 17.62 -4.54
C ALA B 50 18.71 18.14 -4.14
N TYR B 51 18.97 19.41 -4.45
CA TYR B 51 20.22 20.08 -4.05
C TYR B 51 19.95 20.86 -2.77
N ASP B 52 20.68 20.50 -1.71
CA ASP B 52 20.62 21.16 -0.39
C ASP B 52 21.61 22.34 -0.44
N ARG B 53 21.11 23.58 -0.53
CA ARG B 53 21.94 24.81 -0.66
C ARG B 53 22.72 25.05 0.65
N VAL B 54 22.18 24.61 1.79
CA VAL B 54 22.81 24.87 3.12
C VAL B 54 24.05 23.97 3.22
N GLU B 55 23.93 22.68 2.93
CA GLU B 55 25.09 21.75 3.07
C GLU B 55 25.84 21.64 1.75
N GLN B 56 25.32 22.27 0.69
CA GLN B 56 25.98 22.31 -0.64
C GLN B 56 26.25 20.90 -1.12
N GLU B 57 25.22 20.06 -1.17
CA GLU B 57 25.36 18.65 -1.63
C GLU B 57 24.00 18.22 -2.19
N TRP B 58 24.04 17.25 -3.10
CA TRP B 58 22.85 16.50 -3.51
C TRP B 58 22.38 15.66 -2.33
N VAL B 59 21.05 15.51 -2.24
CA VAL B 59 20.44 14.60 -1.25
C VAL B 59 19.34 13.84 -1.95
N ALA B 60 18.91 12.74 -1.35
CA ALA B 60 17.71 11.98 -1.76
C ALA B 60 16.66 12.26 -0.68
N ILE B 61 15.50 12.77 -1.07
CA ILE B 61 14.40 13.02 -0.12
C ILE B 61 13.29 11.97 -0.34
N LYS B 62 13.04 11.16 0.68
CA LYS B 62 11.94 10.18 0.69
C LYS B 62 10.70 10.89 1.27
N ILE B 63 9.66 11.02 0.45
CA ILE B 63 8.37 11.70 0.81
C ILE B 63 7.35 10.61 1.16
N ILE B 64 6.94 10.54 2.41
CA ILE B 64 6.00 9.51 2.89
C ILE B 64 4.60 9.91 2.44
N LYS B 65 3.82 9.01 1.89
CA LYS B 65 2.45 9.41 1.47
C LYS B 65 1.62 9.81 2.71
N ASN B 66 0.68 10.73 2.54
CA ASN B 66 -0.12 11.31 3.63
C ASN B 66 -1.24 10.34 4.03
N LYS B 67 -0.91 9.11 4.46
CA LYS B 67 -1.88 8.12 4.99
C LYS B 67 -1.34 7.57 6.29
N LYS B 68 -2.21 7.49 7.31
CA LYS B 68 -1.83 7.30 8.74
C LYS B 68 -0.98 6.04 8.90
N ALA B 69 -1.32 4.92 8.26
CA ALA B 69 -0.55 3.67 8.36
C ALA B 69 0.89 3.91 7.90
N PHE B 70 1.06 4.59 6.77
CA PHE B 70 2.42 4.88 6.22
C PHE B 70 3.17 5.85 7.13
N LEU B 71 2.51 6.88 7.65
CA LEU B 71 3.16 7.85 8.58
C LEU B 71 3.59 7.09 9.83
N ASN B 72 2.75 6.21 10.38
CA ASN B 72 3.05 5.49 11.64
C ASN B 72 4.31 4.64 11.39
N GLN B 73 4.41 3.96 10.26
CA GLN B 73 5.58 3.06 9.98
C GLN B 73 6.83 3.92 9.77
N ALA B 74 6.69 5.06 9.11
CA ALA B 74 7.84 5.95 8.84
C ALA B 74 8.36 6.51 10.17
N GLN B 75 7.49 6.68 11.16
CA GLN B 75 7.94 7.11 12.51
C GLN B 75 8.90 6.05 13.09
N ILE B 76 8.62 4.77 12.87
CA ILE B 76 9.53 3.68 13.30
C ILE B 76 10.85 3.77 12.52
N GLU B 77 10.77 4.04 11.22
CA GLU B 77 11.94 4.15 10.30
C GLU B 77 12.86 5.25 10.82
N VAL B 78 12.30 6.42 11.15
CA VAL B 78 13.08 7.58 11.65
C VAL B 78 13.74 7.22 12.99
N ARG B 79 13.00 6.60 13.93
CA ARG B 79 13.56 6.19 15.23
C ARG B 79 14.76 5.25 15.03
N LEU B 80 14.64 4.20 14.22
CA LEU B 80 15.76 3.24 14.04
C LEU B 80 16.92 3.92 13.30
N LEU B 81 16.65 4.74 12.28
CA LEU B 81 17.74 5.47 11.56
C LEU B 81 18.48 6.39 12.53
N GLU B 82 17.77 7.14 13.40
CA GLU B 82 18.45 8.03 14.37
C GLU B 82 19.23 7.18 15.39
N LEU B 83 18.69 6.03 15.79
CA LEU B 83 19.39 5.10 16.72
C LEU B 83 20.70 4.62 16.08
N MET B 84 20.69 4.28 14.80
CA MET B 84 21.91 3.78 14.10
C MET B 84 22.94 4.92 13.93
N ASN B 85 22.50 6.11 13.50
CA ASN B 85 23.36 7.33 13.33
C ASN B 85 24.16 7.59 14.62
N LYS B 86 23.50 7.49 15.76
CA LYS B 86 24.01 7.74 17.13
C LYS B 86 25.16 6.78 17.45
N HIS B 87 25.10 5.53 16.97
CA HIS B 87 26.13 4.49 17.22
C HIS B 87 27.16 4.44 16.09
N ASP B 88 27.07 5.31 15.08
CA ASP B 88 27.92 5.25 13.86
C ASP B 88 28.28 6.67 13.38
N THR B 89 28.76 7.54 14.29
CA THR B 89 29.12 8.96 13.98
C THR B 89 30.27 9.02 12.97
N GLU B 90 31.04 7.93 12.82
CA GLU B 90 32.14 7.80 11.81
C GLU B 90 31.55 7.46 10.42
N MET B 91 30.31 6.98 10.34
CA MET B 91 29.70 6.44 9.09
C MET B 91 30.49 5.19 8.65
N LYS B 92 30.97 4.38 9.60
CA LYS B 92 31.92 3.25 9.38
C LYS B 92 31.20 1.98 8.90
N TYR B 93 29.86 1.85 8.98
CA TYR B 93 29.23 0.49 8.95
C TYR B 93 28.26 0.30 7.78
N TYR B 94 28.36 1.10 6.72
CA TYR B 94 27.72 0.71 5.45
C TYR B 94 26.18 0.87 5.54
N ILE B 95 25.72 1.77 6.40
CA ILE B 95 24.29 2.16 6.58
C ILE B 95 24.12 3.57 6.01
N VAL B 96 23.11 3.75 5.16
CA VAL B 96 22.67 5.10 4.71
C VAL B 96 22.49 6.04 5.93
N HIS B 97 22.97 7.26 5.85
CA HIS B 97 22.84 8.30 6.90
C HIS B 97 21.54 9.07 6.66
N LEU B 98 20.58 9.01 7.59
CA LEU B 98 19.47 9.99 7.62
C LEU B 98 20.03 11.34 8.10
N LYS B 99 19.97 12.39 7.28
CA LYS B 99 20.57 13.71 7.60
C LYS B 99 19.60 14.46 8.50
N ARG B 100 18.33 14.50 8.15
CA ARG B 100 17.26 15.10 8.98
C ARG B 100 15.92 14.68 8.39
N HIS B 101 14.85 15.04 9.07
CA HIS B 101 13.47 14.80 8.60
C HIS B 101 12.65 16.04 8.92
N PHE B 102 11.60 16.28 8.16
CA PHE B 102 10.69 17.40 8.49
C PHE B 102 9.32 17.12 7.91
N MET B 103 8.32 17.92 8.33
CA MET B 103 6.98 17.97 7.73
C MET B 103 6.97 19.07 6.67
N PHE B 104 6.36 18.80 5.53
CA PHE B 104 6.26 19.77 4.42
C PHE B 104 5.03 19.37 3.59
N ARG B 105 4.09 20.30 3.44
CA ARG B 105 2.79 20.12 2.73
C ARG B 105 2.10 18.86 3.27
N ASN B 106 2.14 18.63 4.58
CA ASN B 106 1.47 17.50 5.27
C ASN B 106 2.08 16.12 4.98
N HIS B 107 3.31 16.08 4.45
CA HIS B 107 4.13 14.85 4.29
C HIS B 107 5.36 14.90 5.19
N LEU B 108 5.62 13.80 5.87
CA LEU B 108 6.92 13.54 6.52
C LEU B 108 7.97 13.31 5.42
N CYS B 109 9.07 14.02 5.51
CA CYS B 109 10.16 13.98 4.49
C CYS B 109 11.45 13.54 5.17
N LEU B 110 12.07 12.45 4.69
CA LEU B 110 13.37 11.95 5.20
C LEU B 110 14.48 12.30 4.19
N VAL B 111 15.50 13.02 4.67
CA VAL B 111 16.64 13.49 3.84
C VAL B 111 17.82 12.55 4.05
N PHE B 112 18.25 11.90 2.97
CA PHE B 112 19.39 10.96 2.96
C PHE B 112 20.55 11.54 2.14
N GLU B 113 21.75 11.07 2.39
CA GLU B 113 22.89 11.23 1.46
C GLU B 113 22.49 10.62 0.12
N MET B 114 22.87 11.27 -0.98
CA MET B 114 22.76 10.76 -2.36
C MET B 114 23.87 9.73 -2.58
N LEU B 115 23.53 8.48 -2.88
CA LEU B 115 24.52 7.43 -3.25
C LEU B 115 24.39 7.18 -4.76
N SER B 116 25.25 6.32 -5.32
CA SER B 116 25.27 5.98 -6.76
C SER B 116 24.22 4.90 -7.07
N TYR B 117 24.41 4.10 -8.12
CA TYR B 117 23.38 3.12 -8.55
C TYR B 117 23.45 1.88 -7.64
N ASN B 118 22.46 1.00 -7.76
CA ASN B 118 22.29 -0.15 -6.84
C ASN B 118 22.93 -1.41 -7.48
N LEU B 119 23.03 -2.49 -6.70
CA LEU B 119 23.64 -3.76 -7.15
C LEU B 119 22.86 -4.38 -8.29
N TYR B 120 21.55 -4.17 -8.40
CA TYR B 120 20.79 -4.71 -9.57
C TYR B 120 21.23 -3.98 -10.84
N ASP B 121 21.37 -2.66 -10.82
CA ASP B 121 21.92 -1.83 -11.93
C ASP B 121 23.30 -2.39 -12.33
N LEU B 122 24.14 -2.68 -11.35
CA LEU B 122 25.45 -3.31 -11.62
C LEU B 122 25.25 -4.61 -12.39
N LEU B 123 24.34 -5.49 -11.94
CA LEU B 123 24.10 -6.79 -12.62
C LEU B 123 23.64 -6.55 -14.05
N ARG B 124 22.71 -5.62 -14.26
CA ARG B 124 22.19 -5.29 -15.60
C ARG B 124 23.36 -4.85 -16.49
N ASN B 125 24.29 -4.04 -15.99
CA ASN B 125 25.47 -3.53 -16.76
C ASN B 125 26.43 -4.67 -17.10
N THR B 126 26.34 -5.84 -16.46
CA THR B 126 27.12 -7.03 -16.88
C THR B 126 26.28 -7.89 -17.81
N ASN B 127 25.07 -7.46 -18.19
CA ASN B 127 24.07 -8.26 -18.98
CA ASN B 127 24.09 -8.27 -18.99
C ASN B 127 23.75 -9.57 -18.25
N PHE B 128 23.64 -9.51 -16.91
CA PHE B 128 23.23 -10.61 -16.01
C PHE B 128 24.16 -11.81 -16.15
N ARG B 129 25.44 -11.53 -16.32
CA ARG B 129 26.51 -12.55 -16.45
C ARG B 129 27.12 -12.74 -15.07
N GLY B 130 26.92 -11.74 -14.20
CA GLY B 130 27.41 -11.72 -12.81
C GLY B 130 28.77 -11.03 -12.71
N VAL B 131 29.15 -10.67 -11.49
CA VAL B 131 30.46 -10.03 -11.21
C VAL B 131 31.39 -11.15 -10.73
N SER B 132 32.69 -10.85 -10.63
CA SER B 132 33.73 -11.82 -10.23
C SER B 132 33.54 -12.26 -8.77
N LEU B 133 34.09 -13.43 -8.44
CA LEU B 133 34.14 -13.96 -7.05
C LEU B 133 34.87 -12.97 -6.14
N ASN B 134 35.81 -12.19 -6.70
CA ASN B 134 36.61 -11.21 -5.94
C ASN B 134 35.74 -10.00 -5.57
N LEU B 135 34.97 -9.46 -6.50
CA LEU B 135 34.01 -8.37 -6.18
C LEU B 135 32.87 -8.91 -5.29
N THR B 136 32.36 -10.12 -5.54
CA THR B 136 31.29 -10.76 -4.72
C THR B 136 31.79 -10.79 -3.27
N ARG B 137 33.03 -11.23 -3.05
CA ARG B 137 33.67 -11.28 -1.72
C ARG B 137 33.71 -9.90 -1.09
N LYS B 138 34.05 -8.85 -1.84
CA LYS B 138 34.09 -7.47 -1.27
C LYS B 138 32.68 -7.02 -0.84
N PHE B 139 31.65 -7.29 -1.65
CA PHE B 139 30.25 -6.97 -1.25
C PHE B 139 29.88 -7.78 0.00
N ALA B 140 30.23 -9.07 0.00
CA ALA B 140 29.83 -10.01 1.07
C ALA B 140 30.46 -9.56 2.40
N GLN B 141 31.72 -9.12 2.37
CA GLN B 141 32.44 -8.69 3.59
C GLN B 141 31.80 -7.42 4.17
N GLN B 142 31.45 -6.46 3.31
CA GLN B 142 30.79 -5.21 3.75
C GLN B 142 29.40 -5.53 4.32
N MET B 143 28.63 -6.44 3.72
CA MET B 143 27.26 -6.74 4.16
C MET B 143 27.31 -7.48 5.49
N CYS B 144 28.22 -8.42 5.66
CA CYS B 144 28.36 -9.12 6.97
C CYS B 144 28.73 -8.10 8.06
N THR B 145 29.55 -7.10 7.76
CA THR B 145 29.94 -6.05 8.72
C THR B 145 28.71 -5.21 9.06
N ALA B 146 27.85 -4.88 8.08
CA ALA B 146 26.60 -4.12 8.32
C ALA B 146 25.70 -4.95 9.24
N LEU B 147 25.55 -6.24 8.94
CA LEU B 147 24.64 -7.13 9.70
C LEU B 147 25.17 -7.31 11.12
N LEU B 148 26.50 -7.36 11.27
CA LEU B 148 27.13 -7.39 12.61
C LEU B 148 26.70 -6.12 13.36
N PHE B 149 26.75 -4.97 12.70
CA PHE B 149 26.40 -3.67 13.33
C PHE B 149 24.94 -3.73 13.80
N LEU B 150 24.02 -4.17 12.95
CA LEU B 150 22.57 -4.22 13.27
C LEU B 150 22.33 -5.20 14.43
N ALA B 151 23.19 -6.21 14.59
CA ALA B 151 23.07 -7.23 15.65
C ALA B 151 23.60 -6.69 16.97
N THR B 152 24.26 -5.53 16.99
CA THR B 152 24.62 -4.85 18.26
C THR B 152 23.42 -4.95 19.19
N PRO B 153 23.57 -5.38 20.47
CA PRO B 153 22.43 -5.58 21.37
C PRO B 153 21.52 -4.35 21.51
N GLU B 154 22.13 -3.18 21.71
CA GLU B 154 21.48 -1.85 21.77
C GLU B 154 20.63 -1.61 20.51
N LEU B 155 21.05 -2.08 19.34
CA LEU B 155 20.26 -1.90 18.09
C LEU B 155 19.30 -3.09 17.90
N SER B 156 19.78 -4.29 17.65
CA SER B 156 18.93 -5.48 17.41
C SER B 156 17.93 -5.20 16.28
N ILE B 157 18.43 -4.62 15.19
CA ILE B 157 17.60 -4.23 14.01
C ILE B 157 17.59 -5.35 12.97
N ILE B 158 16.39 -5.73 12.59
CA ILE B 158 16.09 -6.59 11.40
C ILE B 158 15.73 -5.66 10.27
N HIS B 159 16.49 -5.66 9.16
CA HIS B 159 16.21 -4.78 7.99
C HIS B 159 14.88 -5.19 7.33
N CYS B 160 14.72 -6.48 7.08
CA CYS B 160 13.47 -7.13 6.61
C CYS B 160 13.26 -6.92 5.11
N ASP B 161 14.15 -6.26 4.38
CA ASP B 161 13.92 -6.11 2.93
C ASP B 161 15.25 -6.06 2.18
N LEU B 162 16.21 -6.89 2.58
CA LEU B 162 17.52 -6.91 1.88
C LEU B 162 17.26 -7.48 0.49
N LYS B 163 17.79 -6.79 -0.50
CA LYS B 163 17.74 -7.23 -1.93
C LYS B 163 18.72 -6.37 -2.72
N PRO B 164 19.06 -6.76 -3.96
CA PRO B 164 20.10 -6.03 -4.70
C PRO B 164 19.77 -4.54 -4.82
N GLU B 165 18.49 -4.20 -5.00
CA GLU B 165 17.99 -2.82 -5.20
C GLU B 165 18.25 -1.95 -3.97
N ASN B 166 18.39 -2.57 -2.80
CA ASN B 166 18.50 -1.86 -1.51
C ASN B 166 19.95 -1.85 -1.08
N ILE B 167 20.88 -2.25 -1.95
CA ILE B 167 22.33 -2.11 -1.68
C ILE B 167 22.93 -1.17 -2.75
N LEU B 168 23.46 -0.03 -2.34
CA LEU B 168 23.87 1.05 -3.27
C LEU B 168 25.37 1.20 -3.24
N LEU B 169 25.97 1.41 -4.41
CA LEU B 169 27.37 1.87 -4.53
C LEU B 169 27.49 3.31 -4.01
N CYS B 170 28.48 3.63 -3.17
CA CYS B 170 28.81 5.04 -2.77
C CYS B 170 29.29 5.84 -3.98
N ASN B 171 30.08 5.23 -4.84
CA ASN B 171 30.70 5.89 -6.02
C ASN B 171 30.75 4.82 -7.10
N PRO B 172 30.36 5.14 -8.36
CA PRO B 172 30.20 4.11 -9.38
C PRO B 172 31.55 3.49 -9.81
N LYS B 173 32.66 4.12 -9.40
CA LYS B 173 34.06 3.71 -9.70
C LYS B 173 34.67 2.83 -8.57
N ARG B 174 34.01 2.64 -7.42
CA ARG B 174 34.57 1.83 -6.31
C ARG B 174 33.55 0.79 -5.80
N SER B 175 33.98 -0.14 -4.95
CA SER B 175 33.17 -1.30 -4.50
C SER B 175 32.55 -1.05 -3.13
N ALA B 176 32.77 0.14 -2.56
CA ALA B 176 32.15 0.62 -1.30
C ALA B 176 30.63 0.59 -1.46
N ILE B 177 29.92 -0.02 -0.50
CA ILE B 177 28.43 -0.11 -0.55
C ILE B 177 27.80 0.39 0.75
N LYS B 178 26.52 0.73 0.68
CA LYS B 178 25.70 1.14 1.85
C LYS B 178 24.31 0.55 1.65
N ILE B 179 23.71 0.08 2.74
CA ILE B 179 22.35 -0.49 2.75
C ILE B 179 21.37 0.67 2.92
N VAL B 180 20.33 0.71 2.11
CA VAL B 180 19.25 1.72 2.22
C VAL B 180 17.92 1.02 2.53
N ASP B 181 16.95 1.83 2.92
CA ASP B 181 15.49 1.53 2.98
C ASP B 181 15.20 0.64 4.19
N PHE B 182 15.16 1.26 5.36
CA PHE B 182 14.70 0.63 6.62
C PHE B 182 13.20 0.90 6.82
N GLY B 183 12.47 1.11 5.73
CA GLY B 183 11.02 1.43 5.74
C GLY B 183 10.18 0.30 6.32
N SER B 184 10.63 -0.95 6.28
CA SER B 184 9.84 -2.03 6.91
C SER B 184 10.62 -2.70 8.05
N SER B 185 11.71 -2.07 8.51
CA SER B 185 12.59 -2.62 9.59
C SER B 185 11.88 -2.64 10.95
N CYS B 186 12.28 -3.60 11.78
CA CYS B 186 11.82 -3.65 13.20
C CYS B 186 12.96 -4.08 14.12
N GLN B 187 12.82 -3.80 15.41
CA GLN B 187 13.73 -4.35 16.41
C GLN B 187 13.25 -5.75 16.81
N LEU B 188 14.22 -6.59 17.21
CA LEU B 188 13.99 -7.91 17.84
C LEU B 188 12.95 -7.71 18.94
N GLY B 189 11.89 -8.52 18.96
CA GLY B 189 10.81 -8.40 19.96
C GLY B 189 9.66 -7.49 19.48
N GLN B 190 9.77 -6.79 18.33
CA GLN B 190 8.72 -5.84 17.88
C GLN B 190 8.21 -6.23 16.47
N ARG B 191 8.13 -7.50 16.15
CA ARG B 191 7.47 -8.02 14.94
C ARG B 191 6.00 -7.59 14.93
N ILE B 192 5.58 -6.95 13.85
CA ILE B 192 4.21 -6.42 13.61
C ILE B 192 3.67 -6.93 12.26
N TYR B 193 4.52 -7.40 11.35
CA TYR B 193 4.07 -7.91 10.02
C TYR B 193 4.46 -9.36 9.87
N GLN B 194 3.46 -10.17 9.58
CA GLN B 194 3.65 -11.60 9.26
C GLN B 194 4.23 -11.70 7.87
N PTR B 195 3.83 -10.78 6.99
CA PTR B 195 4.19 -10.85 5.59
C PTR B 195 5.26 -9.79 5.31
O PTR B 195 4.98 -8.61 5.43
CB PTR B 195 2.93 -10.67 4.72
CG PTR B 195 3.21 -10.94 3.26
CD1 PTR B 195 3.59 -9.91 2.40
CD2 PTR B 195 3.19 -12.23 2.76
CE1 PTR B 195 3.88 -10.15 1.06
CE2 PTR B 195 3.49 -12.51 1.43
CZ PTR B 195 3.83 -11.46 0.59
OH PTR B 195 4.10 -11.79 -0.74
P PTR B 195 4.24 -10.79 -1.96
O1P PTR B 195 3.14 -9.77 -1.94
O2P PTR B 195 5.54 -10.09 -2.00
O3P PTR B 195 4.09 -11.75 -3.07
N ILE B 196 6.48 -10.23 5.04
CA ILE B 196 7.63 -9.34 5.02
C ILE B 196 8.74 -9.96 4.14
N GLN B 197 9.68 -9.14 3.69
CA GLN B 197 10.78 -9.49 2.77
C GLN B 197 10.27 -9.52 1.32
N SER B 198 11.09 -9.05 0.35
CA SER B 198 10.76 -9.21 -1.09
C SER B 198 10.81 -10.71 -1.39
N ARG B 199 9.88 -11.21 -2.21
CA ARG B 199 9.60 -12.67 -2.33
C ARG B 199 10.87 -13.51 -2.61
N PHE B 200 11.75 -13.11 -3.54
CA PHE B 200 12.91 -13.95 -3.93
C PHE B 200 13.90 -14.09 -2.75
N TYR B 201 13.85 -13.15 -1.79
CA TYR B 201 14.82 -12.99 -0.68
C TYR B 201 14.17 -13.39 0.65
N ARG B 202 13.00 -14.02 0.59
CA ARG B 202 12.15 -14.30 1.75
C ARG B 202 12.58 -15.62 2.37
N SER B 203 12.84 -15.56 3.65
CA SER B 203 13.33 -16.73 4.42
C SER B 203 12.20 -17.76 4.53
N PRO B 204 12.53 -19.05 4.68
CA PRO B 204 11.54 -20.07 4.94
C PRO B 204 10.75 -19.78 6.22
N GLU B 205 11.35 -19.25 7.29
CA GLU B 205 10.57 -19.01 8.52
C GLU B 205 9.43 -18.04 8.19
N VAL B 206 9.65 -17.05 7.31
CA VAL B 206 8.60 -16.05 6.94
C VAL B 206 7.57 -16.70 6.01
N LEU B 207 8.02 -17.45 5.00
CA LEU B 207 7.08 -18.20 4.13
C LEU B 207 6.19 -19.09 5.03
N LEU B 208 6.73 -19.70 6.08
CA LEU B 208 5.98 -20.63 6.95
C LEU B 208 5.10 -19.90 7.99
N GLY B 209 5.12 -18.57 8.05
CA GLY B 209 4.30 -17.75 8.97
C GLY B 209 4.83 -17.81 10.39
N MET B 210 6.12 -18.10 10.54
CA MET B 210 6.76 -18.26 11.88
C MET B 210 7.31 -16.94 12.40
N PRO B 211 7.51 -16.84 13.74
CA PRO B 211 8.13 -15.67 14.34
C PRO B 211 9.52 -15.63 13.71
N TYR B 212 10.14 -14.46 13.68
CA TYR B 212 11.44 -14.28 13.00
C TYR B 212 12.32 -13.35 13.80
N ASP B 213 13.63 -13.43 13.53
CA ASP B 213 14.66 -12.64 14.24
C ASP B 213 15.67 -12.11 13.21
N LEU B 214 16.88 -11.75 13.64
CA LEU B 214 17.85 -11.12 12.70
C LEU B 214 18.35 -12.12 11.63
N ALA B 215 18.15 -13.41 11.82
CA ALA B 215 18.64 -14.47 10.89
C ALA B 215 17.95 -14.33 9.53
N ILE B 216 16.76 -13.71 9.45
CA ILE B 216 16.07 -13.54 8.13
C ILE B 216 16.94 -12.68 7.19
N ASP B 217 17.70 -11.72 7.71
CA ASP B 217 18.60 -10.85 6.89
C ASP B 217 19.77 -11.68 6.35
N MET B 218 20.28 -12.63 7.11
CA MET B 218 21.41 -13.50 6.66
C MET B 218 20.94 -14.41 5.50
N TRP B 219 19.72 -14.91 5.57
CA TRP B 219 19.14 -15.72 4.48
C TRP B 219 19.08 -14.88 3.20
N SER B 220 18.54 -13.64 3.26
CA SER B 220 18.48 -12.72 2.09
C SER B 220 19.88 -12.51 1.50
N LEU B 221 20.88 -12.34 2.37
CA LEU B 221 22.28 -12.06 1.96
C LEU B 221 22.84 -13.28 1.19
N GLY B 222 22.61 -14.51 1.66
CA GLY B 222 22.97 -15.74 0.92
C GLY B 222 22.43 -15.68 -0.50
N CYS B 223 21.14 -15.39 -0.62
CA CYS B 223 20.41 -15.32 -1.92
C CYS B 223 21.05 -14.25 -2.82
N ILE B 224 21.33 -13.07 -2.27
CA ILE B 224 21.87 -11.91 -3.00
C ILE B 224 23.28 -12.28 -3.54
N LEU B 225 24.16 -12.80 -2.68
CA LEU B 225 25.57 -13.11 -3.05
C LEU B 225 25.60 -14.15 -4.20
N VAL B 226 24.72 -15.16 -4.24
CA VAL B 226 24.65 -16.14 -5.38
C VAL B 226 24.22 -15.37 -6.64
N GLU B 227 23.21 -14.51 -6.53
CA GLU B 227 22.72 -13.71 -7.66
C GLU B 227 23.82 -12.76 -8.13
N MET B 228 24.58 -12.11 -7.25
CA MET B 228 25.64 -11.17 -7.69
C MET B 228 26.67 -11.92 -8.54
N HIS B 229 26.99 -13.16 -8.18
CA HIS B 229 28.03 -13.95 -8.90
C HIS B 229 27.48 -14.60 -10.18
N THR B 230 26.25 -15.12 -10.17
CA THR B 230 25.65 -15.87 -11.32
C THR B 230 24.88 -14.93 -12.24
N GLY B 231 24.42 -13.78 -11.75
CA GLY B 231 23.64 -12.79 -12.51
C GLY B 231 22.14 -13.06 -12.48
N GLU B 232 21.70 -14.14 -11.83
CA GLU B 232 20.29 -14.65 -11.84
C GLU B 232 19.81 -14.87 -10.39
N PRO B 233 18.55 -14.57 -10.07
CA PRO B 233 18.03 -14.89 -8.73
C PRO B 233 18.17 -16.39 -8.43
N LEU B 234 18.66 -16.71 -7.24
CA LEU B 234 18.77 -18.13 -6.80
C LEU B 234 17.37 -18.78 -6.78
N PHE B 235 16.37 -18.11 -6.19
CA PHE B 235 15.01 -18.67 -6.00
C PHE B 235 14.00 -17.64 -6.52
N SER B 236 13.53 -17.78 -7.76
CA SER B 236 12.66 -16.76 -8.39
C SER B 236 11.21 -17.25 -8.42
N GLY B 237 10.55 -17.30 -7.27
CA GLY B 237 9.13 -17.69 -7.17
C GLY B 237 8.17 -16.61 -7.71
N ALA B 238 7.09 -17.05 -8.34
CA ALA B 238 6.00 -16.22 -8.91
C ALA B 238 4.94 -15.94 -7.84
N ASN B 239 4.98 -16.72 -6.77
CA ASN B 239 4.06 -16.65 -5.61
C ASN B 239 4.73 -17.46 -4.49
N GLU B 240 4.09 -17.52 -3.32
CA GLU B 240 4.79 -18.06 -2.12
C GLU B 240 4.91 -19.59 -2.25
N VAL B 241 3.93 -20.28 -2.83
CA VAL B 241 4.04 -21.74 -3.07
C VAL B 241 5.18 -22.02 -4.06
N ASP B 242 5.28 -21.26 -5.14
CA ASP B 242 6.39 -21.42 -6.13
C ASP B 242 7.73 -21.05 -5.47
N GLN B 243 7.76 -20.01 -4.65
CA GLN B 243 8.97 -19.64 -3.85
C GLN B 243 9.43 -20.85 -3.02
N MET B 244 8.53 -21.44 -2.23
CA MET B 244 8.96 -22.49 -1.27
C MET B 244 9.43 -23.70 -2.08
N ASN B 245 8.74 -24.02 -3.17
CA ASN B 245 9.08 -25.14 -4.09
C ASN B 245 10.45 -24.94 -4.74
N LYS B 246 10.80 -23.70 -5.15
CA LYS B 246 12.15 -23.39 -5.70
C LYS B 246 13.25 -23.51 -4.63
N ILE B 247 12.94 -23.14 -3.38
CA ILE B 247 13.87 -23.36 -2.25
C ILE B 247 14.08 -24.86 -2.08
N VAL B 248 13.02 -25.63 -2.08
CA VAL B 248 13.08 -27.09 -1.81
C VAL B 248 13.87 -27.80 -2.94
N GLU B 249 13.74 -27.38 -4.21
CA GLU B 249 14.60 -27.91 -5.32
C GLU B 249 16.07 -27.91 -4.92
N VAL B 250 16.52 -26.87 -4.20
CA VAL B 250 17.96 -26.68 -3.90
C VAL B 250 18.29 -27.32 -2.55
N LEU B 251 17.45 -27.15 -1.53
CA LEU B 251 17.87 -27.44 -0.15
C LEU B 251 17.13 -28.64 0.45
N GLY B 252 16.17 -29.24 -0.24
CA GLY B 252 15.48 -30.43 0.30
C GLY B 252 14.28 -30.01 1.13
N ILE B 253 13.54 -30.99 1.65
CA ILE B 253 12.39 -30.75 2.59
C ILE B 253 12.98 -30.09 3.83
N PRO B 254 12.40 -29.00 4.36
CA PRO B 254 12.91 -28.41 5.60
C PRO B 254 12.78 -29.43 6.75
N PRO B 255 13.53 -29.26 7.85
CA PRO B 255 13.47 -30.18 9.00
C PRO B 255 12.07 -30.35 9.63
N ALA B 256 11.75 -31.58 10.05
CA ALA B 256 10.48 -31.91 10.75
C ALA B 256 10.24 -31.00 11.94
N HIS B 257 11.26 -30.73 12.76
CA HIS B 257 11.13 -29.92 13.99
C HIS B 257 10.64 -28.50 13.65
N ILE B 258 10.98 -27.98 12.46
CA ILE B 258 10.56 -26.65 11.93
C ILE B 258 9.11 -26.76 11.43
N LEU B 259 8.82 -27.72 10.57
CA LEU B 259 7.47 -27.84 9.98
C LEU B 259 6.45 -28.19 11.08
N ASP B 260 6.88 -28.92 12.12
CA ASP B 260 6.00 -29.34 13.25
C ASP B 260 5.45 -28.10 13.99
N GLN B 261 6.18 -26.98 14.02
CA GLN B 261 5.76 -25.76 14.77
C GLN B 261 5.27 -24.63 13.83
N ALA B 262 5.29 -24.83 12.53
CA ALA B 262 5.05 -23.79 11.50
C ALA B 262 3.56 -23.64 11.24
N PRO B 263 2.95 -22.46 11.48
CA PRO B 263 1.52 -22.30 11.25
C PRO B 263 1.12 -22.61 9.80
N LYS B 264 1.98 -22.34 8.81
CA LYS B 264 1.60 -22.47 7.40
C LYS B 264 2.24 -23.72 6.76
N ALA B 265 2.74 -24.68 7.54
CA ALA B 265 3.39 -25.88 6.98
C ALA B 265 2.47 -26.53 5.92
N ARG B 266 1.15 -26.54 6.15
CA ARG B 266 0.18 -27.33 5.35
C ARG B 266 -0.18 -26.56 4.10
N LYS B 267 0.27 -25.31 3.96
CA LYS B 267 0.14 -24.61 2.67
C LYS B 267 1.08 -25.26 1.63
N PHE B 268 2.17 -25.91 2.03
CA PHE B 268 3.24 -26.34 1.09
C PHE B 268 3.49 -27.83 1.21
N PHE B 269 3.27 -28.44 2.38
CA PHE B 269 3.75 -29.78 2.77
C PHE B 269 2.56 -30.56 3.34
N GLU B 270 2.70 -31.88 3.42
CA GLU B 270 1.73 -32.75 4.12
C GLU B 270 2.49 -33.80 4.91
N LYS B 271 1.99 -34.12 6.12
CA LYS B 271 2.58 -35.04 7.11
C LYS B 271 2.00 -36.43 6.82
N LEU B 272 2.87 -37.43 6.71
CA LEU B 272 2.44 -38.82 6.42
C LEU B 272 2.36 -39.61 7.71
N PRO B 273 1.77 -40.82 7.66
CA PRO B 273 1.80 -41.77 8.79
C PRO B 273 3.11 -41.78 9.62
N ASP B 274 4.26 -41.63 8.96
CA ASP B 274 5.60 -41.92 9.54
C ASP B 274 6.04 -40.79 10.47
N GLY B 275 5.35 -39.65 10.45
CA GLY B 275 5.77 -38.42 11.16
C GLY B 275 6.71 -37.59 10.30
N THR B 276 6.79 -37.94 9.00
CA THR B 276 7.67 -37.27 7.98
C THR B 276 6.83 -36.43 7.02
N TRP B 277 7.44 -35.37 6.52
CA TRP B 277 6.79 -34.35 5.68
C TRP B 277 7.17 -34.53 4.21
N ASN B 278 6.21 -34.37 3.32
CA ASN B 278 6.45 -34.35 1.85
C ASN B 278 5.84 -33.07 1.32
N LEU B 279 6.25 -32.63 0.11
CA LEU B 279 5.49 -31.65 -0.69
C LEU B 279 4.05 -32.14 -0.89
N LYS B 280 3.08 -31.23 -0.86
CA LYS B 280 1.66 -31.47 -1.26
C LYS B 280 1.59 -32.05 -2.68
N LYS B 281 0.73 -33.07 -2.90
CA LYS B 281 0.74 -33.98 -4.10
C LYS B 281 0.48 -33.20 -5.40
N GLU B 288 5.94 -30.54 -11.67
CA GLU B 288 6.48 -29.33 -12.37
C GLU B 288 7.90 -28.98 -11.87
N TYR B 289 8.39 -29.59 -10.79
CA TYR B 289 9.64 -29.18 -10.10
C TYR B 289 10.64 -30.32 -10.14
N LYS B 290 11.92 -29.99 -10.09
CA LYS B 290 12.95 -31.02 -9.86
C LYS B 290 12.74 -31.63 -8.48
N PRO B 291 13.06 -32.92 -8.26
CA PRO B 291 12.92 -33.51 -6.94
C PRO B 291 13.71 -32.76 -5.85
N PRO B 292 13.23 -32.81 -4.58
CA PRO B 292 13.87 -32.09 -3.46
C PRO B 292 15.38 -32.32 -3.34
N GLY B 293 16.13 -31.22 -3.34
CA GLY B 293 17.57 -31.28 -3.03
C GLY B 293 18.42 -31.69 -4.22
N THR B 294 17.86 -31.78 -5.42
CA THR B 294 18.60 -32.20 -6.63
C THR B 294 19.15 -31.02 -7.43
N ARG B 295 18.75 -29.77 -7.17
CA ARG B 295 19.30 -28.60 -7.89
C ARG B 295 20.42 -28.08 -7.02
N LYS B 296 21.60 -28.71 -7.10
CA LYS B 296 22.70 -28.51 -6.12
C LYS B 296 23.31 -27.13 -6.36
N LEU B 297 23.53 -26.40 -5.29
CA LEU B 297 24.28 -25.13 -5.35
C LEU B 297 25.66 -25.36 -5.98
N HIS B 298 26.26 -26.53 -5.76
CA HIS B 298 27.52 -27.00 -6.39
C HIS B 298 27.50 -26.73 -7.90
N ASN B 299 26.40 -27.03 -8.56
CA ASN B 299 26.22 -26.92 -10.03
C ASN B 299 25.79 -25.51 -10.41
N ILE B 300 25.01 -24.85 -9.56
CA ILE B 300 24.52 -23.47 -9.88
C ILE B 300 25.73 -22.52 -9.95
N LEU B 301 26.63 -22.66 -8.99
CA LEU B 301 27.87 -21.85 -8.89
C LEU B 301 28.90 -22.29 -9.94
N GLY B 302 28.81 -23.53 -10.45
CA GLY B 302 29.81 -24.12 -11.37
C GLY B 302 31.14 -24.37 -10.66
N VAL B 303 31.09 -24.90 -9.43
CA VAL B 303 32.29 -25.07 -8.56
C VAL B 303 33.41 -25.81 -9.33
N GLU B 304 33.08 -26.85 -10.09
CA GLU B 304 34.04 -27.75 -10.78
C GLU B 304 34.00 -27.56 -12.30
N THR B 305 33.17 -26.65 -12.81
CA THR B 305 32.88 -26.50 -14.25
C THR B 305 33.07 -25.05 -14.68
N GLY B 306 33.99 -24.34 -14.04
CA GLY B 306 34.46 -23.04 -14.52
C GLY B 306 33.52 -21.92 -14.14
N GLY B 307 32.84 -22.05 -13.00
CA GLY B 307 31.93 -20.99 -12.50
C GLY B 307 30.65 -20.89 -13.33
N PRO B 308 29.81 -19.85 -13.09
CA PRO B 308 28.52 -19.73 -13.77
C PRO B 308 28.68 -19.67 -15.29
N GLY B 309 27.95 -20.56 -15.98
CA GLY B 309 27.99 -20.81 -17.42
C GLY B 309 29.38 -21.18 -17.93
N GLY B 310 30.25 -21.79 -17.11
CA GLY B 310 31.62 -22.21 -17.49
C GLY B 310 32.55 -21.08 -17.90
N ARG B 311 32.18 -19.82 -17.67
CA ARG B 311 32.90 -18.61 -18.15
C ARG B 311 34.17 -18.29 -17.33
N ARG B 312 34.32 -18.72 -16.08
CA ARG B 312 35.40 -18.23 -15.18
C ARG B 312 36.61 -19.19 -15.10
N ALA B 313 36.60 -20.38 -15.69
CA ALA B 313 37.79 -21.30 -15.63
C ALA B 313 39.03 -20.51 -16.12
N GLY B 314 40.09 -20.50 -15.32
CA GLY B 314 41.34 -19.82 -15.70
C GLY B 314 41.49 -18.49 -15.01
N GLU B 315 40.40 -17.85 -14.59
CA GLU B 315 40.50 -16.47 -14.02
C GLU B 315 41.20 -16.53 -12.65
N SER B 316 42.06 -15.55 -12.36
CA SER B 316 42.65 -15.33 -11.02
C SER B 316 41.57 -15.50 -9.95
N GLY B 317 41.81 -16.37 -8.96
CA GLY B 317 40.94 -16.47 -7.76
C GLY B 317 39.60 -17.15 -8.03
N HIS B 318 39.44 -17.86 -9.17
CA HIS B 318 38.23 -18.67 -9.51
C HIS B 318 38.59 -20.15 -9.60
N THR B 319 39.46 -20.63 -8.72
CA THR B 319 39.83 -22.05 -8.63
C THR B 319 38.74 -22.81 -7.88
N VAL B 320 38.74 -24.14 -8.05
CA VAL B 320 37.83 -25.08 -7.32
C VAL B 320 37.89 -24.80 -5.81
N ALA B 321 39.08 -24.61 -5.25
CA ALA B 321 39.26 -24.32 -3.81
C ALA B 321 38.57 -22.99 -3.43
N ASP B 322 38.69 -21.95 -4.25
CA ASP B 322 38.02 -20.65 -4.02
C ASP B 322 36.50 -20.86 -4.00
N TYR B 323 35.95 -21.63 -4.95
CA TYR B 323 34.49 -21.86 -5.11
C TYR B 323 33.97 -22.73 -3.96
N LEU B 324 34.75 -23.72 -3.51
CA LEU B 324 34.32 -24.58 -2.38
C LEU B 324 34.12 -23.72 -1.12
N LYS B 325 34.95 -22.71 -0.91
CA LYS B 325 34.83 -21.81 0.27
C LYS B 325 33.58 -20.94 0.15
N PHE B 326 33.37 -20.35 -1.02
CA PHE B 326 32.16 -19.58 -1.32
C PHE B 326 30.94 -20.47 -1.07
N LYS B 327 30.86 -21.64 -1.72
CA LYS B 327 29.72 -22.57 -1.56
C LYS B 327 29.44 -22.87 -0.09
N ASP B 328 30.48 -23.08 0.73
CA ASP B 328 30.30 -23.48 2.16
C ASP B 328 29.63 -22.32 2.91
N LEU B 329 30.09 -21.09 2.70
CA LEU B 329 29.54 -19.89 3.39
C LEU B 329 28.06 -19.74 2.99
N ILE B 330 27.77 -19.82 1.71
CA ILE B 330 26.39 -19.67 1.17
C ILE B 330 25.52 -20.73 1.84
N LEU B 331 25.96 -21.99 1.94
CA LEU B 331 25.12 -23.03 2.58
C LEU B 331 24.91 -22.78 4.08
N ARG B 332 25.86 -22.14 4.79
CA ARG B 332 25.68 -21.77 6.23
C ARG B 332 24.66 -20.60 6.32
N MET B 333 24.63 -19.71 5.35
CA MET B 333 23.65 -18.58 5.28
C MET B 333 22.24 -19.10 4.95
N LEU B 334 22.13 -20.21 4.21
CA LEU B 334 20.85 -20.80 3.77
C LEU B 334 20.49 -22.04 4.59
N ASP B 335 21.02 -22.14 5.81
CA ASP B 335 20.54 -23.11 6.82
C ASP B 335 19.05 -22.85 7.07
N TYR B 336 18.22 -23.90 6.96
CA TYR B 336 16.76 -23.82 7.19
C TYR B 336 16.45 -23.36 8.61
N ASP B 337 17.33 -23.72 9.54
CA ASP B 337 17.09 -23.51 10.99
C ASP B 337 17.66 -22.15 11.38
N PRO B 338 16.82 -21.14 11.67
CA PRO B 338 17.34 -19.83 12.02
C PRO B 338 18.21 -19.82 13.29
N LYS B 339 18.08 -20.82 14.16
CA LYS B 339 18.95 -20.98 15.36
C LYS B 339 20.37 -21.39 14.96
N THR B 340 20.56 -22.18 13.90
CA THR B 340 21.94 -22.63 13.58
C THR B 340 22.49 -21.86 12.36
N ARG B 341 21.67 -21.03 11.70
CA ARG B 341 22.12 -20.26 10.51
C ARG B 341 23.32 -19.42 10.96
N ILE B 342 24.33 -19.32 10.13
CA ILE B 342 25.54 -18.55 10.52
C ILE B 342 25.16 -17.11 10.88
N GLN B 343 25.82 -16.57 11.91
CA GLN B 343 25.65 -15.19 12.39
C GLN B 343 26.81 -14.31 11.93
N PRO B 344 26.59 -12.98 11.84
CA PRO B 344 27.53 -12.08 11.19
C PRO B 344 28.97 -12.17 11.75
N TYR B 345 29.15 -12.30 13.07
CA TYR B 345 30.51 -12.39 13.67
C TYR B 345 31.23 -13.59 13.08
N TYR B 346 30.56 -14.74 12.99
CA TYR B 346 31.17 -16.01 12.53
C TYR B 346 31.30 -16.02 11.01
N ALA B 347 30.37 -15.40 10.28
CA ALA B 347 30.47 -15.31 8.81
C ALA B 347 31.80 -14.61 8.51
N LEU B 348 32.14 -13.56 9.25
CA LEU B 348 33.32 -12.73 8.93
C LEU B 348 34.62 -13.51 9.19
N GLN B 349 34.57 -14.58 9.99
CA GLN B 349 35.74 -15.46 10.28
C GLN B 349 35.84 -16.58 9.23
N HIS B 350 34.93 -16.66 8.27
CA HIS B 350 34.88 -17.83 7.35
C HIS B 350 36.10 -17.78 6.45
N SER B 351 36.58 -18.94 6.03
CA SER B 351 37.83 -19.03 5.22
C SER B 351 37.64 -18.25 3.91
N PHE B 352 36.38 -18.07 3.47
CA PHE B 352 36.05 -17.28 2.26
C PHE B 352 36.76 -15.92 2.35
N PHE B 353 36.88 -15.36 3.54
CA PHE B 353 37.44 -14.00 3.70
C PHE B 353 38.91 -14.00 4.14
N ALA B 354 39.56 -15.17 4.33
CA ALA B 354 40.93 -15.24 4.92
C ALA B 354 41.96 -14.64 3.97
C1 QYB C . -13.06 2.92 -14.13
N1 QYB C . -13.22 3.81 -15.19
O1 QYB C . -12.20 3.15 -13.27
C2 QYB C . -14.12 3.64 -16.18
N2 QYB C . -14.97 2.65 -16.27
C3 QYB C . -14.86 1.76 -15.23
N3 QYB C . -15.19 0.06 -13.89
C4 QYB C . -13.93 1.85 -14.16
N4 QYB C . -15.59 0.66 -15.02
C5 QYB C . -14.18 0.73 -13.37
C6 QYB C . -13.63 0.28 -12.09
C7 QYB C . -12.66 1.01 -11.42
C8 QYB C . -12.20 0.58 -10.18
C9 QYB C . -12.74 -0.54 -9.57
C10 QYB C . -13.76 -1.24 -10.21
C11 QYB C . -14.19 -0.84 -11.46
P PO4 D . -5.45 9.02 6.64
O1 PO4 D . -6.08 9.66 7.90
O2 PO4 D . -6.41 9.13 5.43
O3 PO4 D . -4.16 9.79 6.33
O4 PO4 D . -5.18 7.54 6.82
P PO4 E . -30.88 12.63 -17.57
O1 PO4 E . -32.21 12.33 -18.25
O2 PO4 E . -30.00 11.40 -17.69
O3 PO4 E . -31.13 12.99 -16.10
O4 PO4 E . -30.17 13.79 -18.26
C1 QYB F . 18.13 6.28 -3.65
N1 QYB F . 18.99 6.70 -4.69
O1 QYB F . 17.10 5.66 -3.91
C2 QYB F . 20.14 7.39 -4.48
N2 QYB F . 20.59 7.75 -3.31
C3 QYB F . 19.78 7.36 -2.26
N3 QYB F . 18.97 7.05 -0.22
C4 QYB F . 18.57 6.64 -2.37
N4 QYB F . 19.97 7.58 -0.95
C5 QYB F . 18.11 6.48 -1.06
C6 QYB F . 16.95 5.83 -0.45
C7 QYB F . 15.96 5.22 -1.22
C8 QYB F . 14.88 4.60 -0.60
C9 QYB F . 14.77 4.57 0.77
C10 QYB F . 15.77 5.14 1.54
C11 QYB F . 16.84 5.77 0.93
S DMS G . 11.15 -9.45 -5.59
O DMS G . 11.69 -10.61 -4.86
C1 DMS G . 9.83 -10.07 -6.64
C2 DMS G . 12.36 -8.93 -6.79
#